data_6WDX
#
_entry.id   6WDX
#
_cell.length_a   80.440
_cell.length_b   80.440
_cell.length_c   243.891
_cell.angle_alpha   90.000
_cell.angle_beta   90.000
_cell.angle_gamma   120.000
#
_symmetry.space_group_name_H-M   'P 31 2 1'
#
loop_
_entity.id
_entity.type
_entity.pdbx_description
1 polymer 'Polyamine deacetylase HDAC10'
2 non-polymer N-hydroxy-4-{[3-(2-hydroxyethyl)-1H-indol-1-yl]methyl}benzamide
3 non-polymer 'ZINC ION'
4 non-polymer 'PHOSPHATE ION'
5 non-polymer 'POTASSIUM ION'
6 water water
#
_entity_poly.entity_id   1
_entity_poly.type   'polypeptide(L)'
_entity_poly.pdbx_seq_one_letter_code
;AASGSALIFDEEMSRYKLLWTDPECEIEVPERLTVSYEALRTHGLAQRCKAVPVRQATEQEILLAHSEEYLEAVKQTPGM
NVEELMAFSKKYNAVYFHQNIYHCAKLAAGATLQLVDSVMKREVRNGMALVRPPGHHSQRSAANGFCVFNNVAFAALYAK
KNYNLNRILIVDWDVHHGQGIQYCFEEDPSVLYFSWHRYEHQSFWPNLPESDYSSVGKGKGSGFNINLPWNKVGMTNSDY
LAAFFHVLLPVAYEFDPELVIVSAGFDSAIGDPEGEMCALPEIFAHLTHLLMPLAAGKMCVVLEGGYNLTSLGQSVCQTV
HSLLGDPTPRISGLGTACDSALESIQNVRNVQSSYWSSFKHLAQSETNPKRPRLDATNGGPKESSEPASESNPKKTAQDI
VWPEPLKRMPASVRTVVVPPPGVELTLPKNCQHSGDISESTAKEVQRIRDKHFHDLTDQNILRSLGNIISVLDRMMRSDE
VCNGCVVVSDLSVSVQCALQHALTEPAERVLVVYVGDGELPVKTNDGKVFLVQICTKETEDKCVNRLTLCLREGESLTAG
FMQALLGLILPVAYEFNPALVLGIVEETAAKTRLMRVWGHMTCLIQGLARGRMLTLLQGYDKDLLELTVSALSGASISPL
GPLRAPKPEDVEMMEKQRQRLQERWGLLRCTVSESW
;
_entity_poly.pdbx_strand_id   A
#
loop_
_chem_comp.id
_chem_comp.type
_chem_comp.name
_chem_comp.formula
K non-polymer 'POTASSIUM ION' 'K 1'
PO4 non-polymer 'PHOSPHATE ION' 'O4 P -3'
TWS non-polymer N-hydroxy-4-{[3-(2-hydroxyethyl)-1H-indol-1-yl]methyl}benzamide 'C18 H18 N2 O3'
ZN non-polymer 'ZINC ION' 'Zn 2'
#
# COMPACT_ATOMS: atom_id res chain seq x y z
N ALA A 1 -18.73 7.85 -1.67
CA ALA A 1 -19.46 8.46 -2.77
C ALA A 1 -18.49 8.98 -3.83
N ALA A 2 -17.22 9.13 -3.47
CA ALA A 2 -16.25 9.76 -4.36
C ALA A 2 -15.71 8.75 -5.37
N SER A 3 -15.42 9.25 -6.56
CA SER A 3 -15.05 8.39 -7.68
C SER A 3 -13.91 9.02 -8.45
N GLY A 4 -13.06 8.18 -9.03
CA GLY A 4 -12.01 8.62 -9.92
C GLY A 4 -10.68 8.90 -9.23
N SER A 5 -9.70 9.21 -10.05
CA SER A 5 -8.35 9.48 -9.60
C SER A 5 -7.78 10.66 -10.38
N ALA A 6 -7.29 11.66 -9.65
CA ALA A 6 -6.74 12.86 -10.28
C ALA A 6 -5.29 12.67 -10.73
N LEU A 7 -4.97 13.19 -11.91
CA LEU A 7 -3.59 13.27 -12.37
C LEU A 7 -3.25 14.72 -12.62
N ILE A 8 -2.48 15.32 -11.73
CA ILE A 8 -2.07 16.71 -11.91
C ILE A 8 -0.68 16.71 -12.50
N PHE A 9 -0.55 17.37 -13.64
CA PHE A 9 0.69 17.41 -14.39
C PHE A 9 0.61 18.63 -15.28
N ASP A 10 1.78 19.17 -15.64
CA ASP A 10 1.83 20.28 -16.58
C ASP A 10 3.23 20.37 -17.13
N GLU A 11 3.34 20.28 -18.47
CA GLU A 11 4.63 20.23 -19.15
C GLU A 11 5.53 21.43 -18.82
N GLU A 12 4.95 22.53 -18.34
CA GLU A 12 5.73 23.72 -18.00
C GLU A 12 6.81 23.44 -16.94
N MET A 13 6.55 22.49 -16.03
CA MET A 13 7.47 22.16 -14.96
C MET A 13 8.75 21.49 -15.46
N SER A 14 8.79 21.07 -16.72
CA SER A 14 10.01 20.57 -17.30
C SER A 14 10.77 21.65 -18.06
N ARG A 15 10.42 22.91 -17.85
CA ARG A 15 11.09 23.97 -18.58
C ARG A 15 11.99 24.75 -17.62
N TYR A 16 12.83 24.00 -16.90
CA TYR A 16 13.99 24.48 -16.16
C TYR A 16 14.97 23.30 -16.12
N LYS A 17 16.26 23.60 -16.00
CA LYS A 17 17.26 22.53 -16.05
C LYS A 17 18.59 23.08 -15.56
N LEU A 18 19.52 22.17 -15.27
CA LEU A 18 20.86 22.58 -14.85
C LEU A 18 21.60 23.24 -16.01
N LEU A 19 22.21 24.39 -15.75
CA LEU A 19 22.87 25.17 -16.80
C LEU A 19 24.40 25.15 -16.74
N TRP A 20 25.01 24.46 -15.77
CA TRP A 20 26.46 24.40 -15.68
C TRP A 20 26.89 22.96 -15.37
N THR A 21 28.18 22.70 -15.54
CA THR A 21 28.74 21.39 -15.23
C THR A 21 28.69 21.17 -13.72
N ASP A 22 28.08 20.07 -13.31
CA ASP A 22 28.04 19.68 -11.90
C ASP A 22 27.52 18.25 -11.87
N PRO A 23 28.38 17.27 -11.56
CA PRO A 23 27.94 15.87 -11.58
C PRO A 23 27.01 15.52 -10.43
N GLU A 24 26.85 16.42 -9.45
CA GLU A 24 25.91 16.15 -8.38
C GLU A 24 24.47 16.31 -8.85
N CYS A 25 24.24 17.22 -9.80
CA CYS A 25 22.88 17.59 -10.20
C CYS A 25 22.49 17.09 -11.59
N GLU A 26 23.45 16.69 -12.43
CA GLU A 26 23.18 16.17 -13.78
C GLU A 26 22.00 15.24 -13.85
N ILE A 27 21.81 14.44 -12.79
CA ILE A 27 20.83 13.37 -12.87
C ILE A 27 19.41 13.89 -12.86
N GLU A 28 19.18 15.09 -12.33
CA GLU A 28 17.83 15.61 -12.15
C GLU A 28 17.44 16.43 -13.39
N VAL A 29 16.81 15.76 -14.35
CA VAL A 29 16.58 16.31 -15.69
C VAL A 29 15.09 16.53 -15.97
N PRO A 30 14.75 17.48 -16.84
CA PRO A 30 13.33 17.63 -17.26
C PRO A 30 12.70 16.34 -17.76
N GLU A 31 13.49 15.47 -18.40
CA GLU A 31 12.95 14.27 -19.01
C GLU A 31 12.27 13.37 -17.99
N ARG A 32 12.68 13.45 -16.72
CA ARG A 32 12.00 12.68 -15.69
C ARG A 32 10.50 12.95 -15.73
N LEU A 33 10.11 14.18 -16.02
CA LEU A 33 8.69 14.49 -16.01
C LEU A 33 8.02 14.03 -17.30
N THR A 34 8.62 14.34 -18.46
CA THR A 34 8.02 13.98 -19.73
C THR A 34 8.00 12.47 -19.95
N VAL A 35 8.98 11.76 -19.40
CA VAL A 35 9.00 10.30 -19.52
C VAL A 35 7.84 9.69 -18.74
N SER A 36 7.56 10.23 -17.55
CA SER A 36 6.56 9.59 -16.70
C SER A 36 5.15 9.86 -17.20
N TYR A 37 4.87 11.08 -17.67
CA TYR A 37 3.56 11.31 -18.27
C TYR A 37 3.43 10.51 -19.56
N GLU A 38 4.48 10.47 -20.40
CA GLU A 38 4.40 9.67 -21.61
C GLU A 38 4.14 8.21 -21.29
N ALA A 39 4.70 7.72 -20.19
CA ALA A 39 4.48 6.33 -19.81
C ALA A 39 3.05 6.12 -19.35
N LEU A 40 2.52 7.13 -18.66
CA LEU A 40 1.11 7.08 -18.27
C LEU A 40 0.20 7.11 -19.50
N ARG A 41 0.58 7.90 -20.51
CA ARG A 41 -0.19 8.00 -21.75
C ARG A 41 -0.16 6.68 -22.52
N THR A 42 1.02 6.08 -22.66
CA THR A 42 1.16 4.87 -23.46
C THR A 42 0.27 3.74 -22.93
N HIS A 43 0.07 3.64 -21.63
CA HIS A 43 -0.63 2.52 -21.02
C HIS A 43 -2.09 2.81 -20.74
N GLY A 44 -2.63 3.89 -21.30
CA GLY A 44 -4.03 4.23 -21.11
C GLY A 44 -4.39 4.74 -19.73
N LEU A 45 -3.40 5.01 -18.86
CA LEU A 45 -3.69 5.35 -17.48
C LEU A 45 -4.02 6.83 -17.33
N ALA A 46 -3.21 7.71 -17.92
CA ALA A 46 -3.48 9.14 -17.80
C ALA A 46 -4.87 9.49 -18.32
N GLN A 47 -5.24 8.91 -19.47
CA GLN A 47 -6.58 9.07 -20.04
C GLN A 47 -7.68 8.66 -19.07
N ARG A 48 -7.42 7.66 -18.23
CA ARG A 48 -8.42 7.17 -17.29
C ARG A 48 -8.51 8.04 -16.02
N CYS A 49 -7.71 9.11 -15.94
CA CYS A 49 -7.63 9.98 -14.78
C CYS A 49 -8.20 11.36 -15.03
N LYS A 50 -8.83 11.93 -14.00
CA LYS A 50 -9.37 13.28 -14.03
C LYS A 50 -8.22 14.30 -14.06
N ALA A 51 -7.90 14.85 -15.23
CA ALA A 51 -6.88 15.89 -15.29
C ALA A 51 -7.33 17.12 -14.52
N VAL A 52 -6.53 17.53 -13.53
CA VAL A 52 -6.82 18.69 -12.69
C VAL A 52 -5.72 19.68 -12.96
N PRO A 53 -6.02 20.94 -13.22
CA PRO A 53 -4.97 21.86 -13.68
C PRO A 53 -4.04 22.24 -12.55
N VAL A 54 -2.89 22.71 -12.96
CA VAL A 54 -1.87 23.23 -12.06
C VAL A 54 -2.22 24.67 -11.67
N ARG A 55 -1.96 25.04 -10.41
CA ARG A 55 -1.99 26.44 -10.02
C ARG A 55 -0.69 26.78 -9.31
N GLN A 56 -0.37 28.08 -9.28
CA GLN A 56 0.71 28.57 -8.45
C GLN A 56 0.26 28.55 -7.00
N ALA A 57 1.21 28.28 -6.11
CA ALA A 57 0.98 28.51 -4.71
C ALA A 57 1.04 30.00 -4.42
N THR A 58 0.07 30.50 -3.67
CA THR A 58 0.11 31.87 -3.22
C THR A 58 1.25 32.06 -2.22
N GLU A 59 1.73 33.31 -2.12
CA GLU A 59 2.77 33.63 -1.14
C GLU A 59 2.34 33.23 0.27
N GLN A 60 1.06 33.45 0.61
CA GLN A 60 0.54 33.09 1.94
C GLN A 60 0.71 31.60 2.20
N GLU A 61 0.51 30.76 1.18
CA GLU A 61 0.72 29.33 1.35
C GLU A 61 2.19 29.00 1.49
N ILE A 62 3.05 29.66 0.71
CA ILE A 62 4.49 29.40 0.81
C ILE A 62 5.00 29.73 2.20
N LEU A 63 4.41 30.72 2.87
CA LEU A 63 4.88 31.09 4.19
C LEU A 63 4.43 30.09 5.26
N LEU A 64 3.50 29.19 4.95
CA LEU A 64 3.15 28.11 5.87
C LEU A 64 4.37 27.32 6.30
N ALA A 65 5.30 27.07 5.38
CA ALA A 65 6.45 26.23 5.67
C ALA A 65 7.78 26.88 5.38
N HIS A 66 7.78 28.14 4.94
CA HIS A 66 9.05 28.75 4.60
C HIS A 66 9.10 30.14 5.16
N SER A 67 10.33 30.62 5.31
CA SER A 67 10.60 31.90 5.95
C SER A 67 10.58 32.98 4.90
N GLU A 68 10.10 34.16 5.30
CA GLU A 68 10.02 35.26 4.36
C GLU A 68 11.37 35.55 3.72
N GLU A 69 12.44 35.53 4.51
CA GLU A 69 13.75 35.89 3.98
C GLU A 69 14.21 34.88 2.95
N TYR A 70 13.90 33.60 3.16
CA TYR A 70 14.19 32.60 2.14
C TYR A 70 13.30 32.80 0.92
N LEU A 71 11.99 33.01 1.15
CA LEU A 71 11.09 33.27 0.04
C LEU A 71 11.54 34.50 -0.73
N GLU A 72 11.94 35.56 -0.02
CA GLU A 72 12.38 36.77 -0.71
C GLU A 72 13.58 36.49 -1.60
N ALA A 73 14.56 35.71 -1.11
CA ALA A 73 15.78 35.53 -1.88
C ALA A 73 15.54 34.65 -3.10
N VAL A 74 14.70 33.63 -2.96
CA VAL A 74 14.31 32.81 -4.11
C VAL A 74 13.53 33.65 -5.13
N LYS A 75 12.57 34.45 -4.63
CA LYS A 75 11.81 35.36 -5.48
C LYS A 75 12.72 36.18 -6.40
N GLN A 76 13.99 36.39 -6.02
CA GLN A 76 14.90 37.20 -6.82
C GLN A 76 15.61 36.42 -7.91
N THR A 77 15.43 35.11 -7.98
CA THR A 77 16.26 34.38 -8.93
C THR A 77 15.78 34.46 -10.38
N PRO A 78 14.47 34.59 -10.67
CA PRO A 78 14.08 34.75 -12.08
C PRO A 78 14.77 35.91 -12.79
N GLY A 79 15.40 36.83 -12.06
CA GLY A 79 16.10 37.92 -12.65
C GLY A 79 17.58 37.75 -12.71
N MET A 80 18.09 36.59 -12.31
CA MET A 80 19.53 36.36 -12.26
C MET A 80 20.02 35.82 -13.58
N ASN A 81 21.22 36.24 -13.98
CA ASN A 81 21.92 35.57 -15.07
C ASN A 81 22.61 34.32 -14.54
N VAL A 82 23.39 33.66 -15.41
CA VAL A 82 23.87 32.33 -15.07
C VAL A 82 24.99 32.39 -14.03
N GLU A 83 25.93 33.32 -14.19
CA GLU A 83 26.94 33.49 -13.15
C GLU A 83 26.30 33.76 -11.79
N GLU A 84 25.21 34.53 -11.76
CA GLU A 84 24.53 34.84 -10.51
C GLU A 84 23.75 33.64 -9.99
N LEU A 85 23.20 32.85 -10.91
CA LEU A 85 22.45 31.65 -10.50
C LEU A 85 23.36 30.60 -9.91
N MET A 86 24.61 30.53 -10.39
CA MET A 86 25.56 29.57 -9.84
C MET A 86 25.93 29.94 -8.41
N ALA A 87 26.16 31.24 -8.17
CA ALA A 87 26.53 31.68 -6.83
C ALA A 87 25.40 31.40 -5.83
N PHE A 88 24.16 31.74 -6.20
CA PHE A 88 23.03 31.49 -5.30
C PHE A 88 22.86 30.00 -5.02
N SER A 89 23.13 29.15 -6.01
CA SER A 89 22.99 27.71 -5.79
C SER A 89 24.07 27.19 -4.85
N LYS A 90 25.28 27.75 -4.92
CA LYS A 90 26.39 27.31 -4.07
C LYS A 90 26.16 27.60 -2.60
N LYS A 91 25.27 28.54 -2.26
CA LYS A 91 24.90 28.71 -0.86
C LYS A 91 24.12 27.53 -0.31
N TYR A 92 23.83 26.53 -1.12
CA TYR A 92 23.02 25.40 -0.70
C TYR A 92 23.75 24.13 -1.10
N ASN A 93 23.23 23.00 -0.65
N ASN A 93 23.23 22.99 -0.68
CA ASN A 93 23.87 21.70 -0.85
CA ASN A 93 23.92 21.73 -0.87
C ASN A 93 23.07 20.90 -1.87
C ASN A 93 23.13 20.84 -1.82
N ALA A 94 23.73 20.52 -2.97
CA ALA A 94 23.15 19.65 -3.98
C ALA A 94 21.86 20.25 -4.56
N VAL A 95 21.95 21.50 -5.01
CA VAL A 95 20.81 22.09 -5.69
C VAL A 95 21.31 23.14 -6.68
N TYR A 96 20.63 23.23 -7.81
CA TYR A 96 20.89 24.26 -8.81
C TYR A 96 19.63 25.11 -9.00
N PHE A 97 19.84 26.33 -9.49
CA PHE A 97 18.75 27.25 -9.74
C PHE A 97 18.76 27.68 -11.21
N HIS A 98 17.57 27.91 -11.73
CA HIS A 98 17.34 28.27 -13.12
C HIS A 98 16.37 29.45 -13.14
N GLN A 99 16.39 30.23 -14.23
CA GLN A 99 15.53 31.42 -14.27
C GLN A 99 14.05 31.07 -14.12
N ASN A 100 13.64 29.87 -14.54
CA ASN A 100 12.26 29.44 -14.46
C ASN A 100 11.95 28.63 -13.20
N ILE A 101 12.93 28.40 -12.31
CA ILE A 101 12.72 27.38 -11.28
C ILE A 101 11.79 27.89 -10.17
N TYR A 102 11.93 29.16 -9.78
CA TYR A 102 10.97 29.72 -8.84
C TYR A 102 9.56 29.60 -9.37
N HIS A 103 9.36 29.88 -10.66
CA HIS A 103 8.08 29.67 -11.31
C HIS A 103 7.61 28.23 -11.13
N CYS A 104 8.42 27.25 -11.58
CA CYS A 104 7.96 25.85 -11.49
C CYS A 104 7.85 25.34 -10.05
N ALA A 105 8.68 25.86 -9.13
CA ALA A 105 8.50 25.52 -7.72
C ALA A 105 7.10 25.88 -7.23
N LYS A 106 6.64 27.11 -7.49
CA LYS A 106 5.28 27.49 -7.14
C LYS A 106 4.24 26.62 -7.84
N LEU A 107 4.57 26.13 -9.05
CA LEU A 107 3.67 25.18 -9.72
C LEU A 107 3.69 23.81 -9.02
N ALA A 108 4.88 23.26 -8.75
CA ALA A 108 4.97 22.00 -8.01
C ALA A 108 4.19 22.08 -6.71
N ALA A 109 4.40 23.16 -5.95
CA ALA A 109 3.62 23.37 -4.72
C ALA A 109 2.12 23.44 -5.00
N GLY A 110 1.71 24.37 -5.89
CA GLY A 110 0.30 24.53 -6.18
C GLY A 110 -0.35 23.27 -6.71
N ALA A 111 0.39 22.48 -7.50
CA ALA A 111 -0.15 21.21 -7.96
C ALA A 111 -0.51 20.30 -6.79
N THR A 112 0.31 20.36 -5.72
CA THR A 112 0.03 19.50 -4.57
C THR A 112 -1.24 19.96 -3.85
N LEU A 113 -1.40 21.28 -3.66
CA LEU A 113 -2.60 21.77 -2.98
C LEU A 113 -3.85 21.46 -3.79
N GLN A 114 -3.79 21.71 -5.10
CA GLN A 114 -4.85 21.24 -6.01
C GLN A 114 -5.24 19.80 -5.71
N LEU A 115 -4.24 18.92 -5.71
CA LEU A 115 -4.49 17.52 -5.40
C LEU A 115 -5.13 17.38 -4.02
N VAL A 116 -4.59 18.09 -3.01
CA VAL A 116 -5.19 18.02 -1.68
C VAL A 116 -6.66 18.44 -1.73
N ASP A 117 -6.92 19.57 -2.41
CA ASP A 117 -8.29 20.07 -2.51
C ASP A 117 -9.21 19.09 -3.24
N SER A 118 -8.75 18.56 -4.38
CA SER A 118 -9.58 17.60 -5.12
C SER A 118 -9.98 16.41 -4.26
N VAL A 119 -8.97 15.78 -3.63
CA VAL A 119 -9.20 14.64 -2.74
C VAL A 119 -10.13 15.01 -1.58
N MET A 120 -9.84 16.13 -0.90
CA MET A 120 -10.61 16.48 0.28
C MET A 120 -12.03 16.96 -0.06
N LYS A 121 -12.24 17.53 -1.26
CA LYS A 121 -13.57 17.96 -1.68
C LYS A 121 -14.41 16.82 -2.24
N ARG A 122 -13.96 15.58 -2.08
CA ARG A 122 -14.61 14.37 -2.60
C ARG A 122 -14.77 14.37 -4.12
N GLU A 123 -14.10 15.26 -4.84
CA GLU A 123 -14.22 15.29 -6.29
C GLU A 123 -13.53 14.11 -6.96
N VAL A 124 -12.49 13.56 -6.33
CA VAL A 124 -11.89 12.31 -6.74
C VAL A 124 -11.60 11.52 -5.47
N ARG A 125 -11.32 10.24 -5.65
CA ARG A 125 -11.00 9.43 -4.50
C ARG A 125 -9.53 9.55 -4.09
N ASN A 126 -8.63 9.64 -5.06
CA ASN A 126 -7.20 9.77 -4.80
C ASN A 126 -6.56 10.45 -6.01
N GLY A 127 -5.23 10.48 -6.06
CA GLY A 127 -4.58 11.07 -7.22
C GLY A 127 -3.08 11.17 -7.04
N MET A 128 -2.43 11.68 -8.08
CA MET A 128 -0.98 11.75 -8.15
C MET A 128 -0.57 13.00 -8.89
N ALA A 129 0.49 13.64 -8.42
CA ALA A 129 1.00 14.87 -9.00
C ALA A 129 2.41 14.63 -9.56
N LEU A 130 2.54 14.64 -10.88
CA LEU A 130 3.85 14.65 -11.50
C LEU A 130 4.39 16.07 -11.45
N VAL A 131 5.40 16.30 -10.60
CA VAL A 131 5.92 17.65 -10.37
C VAL A 131 7.44 17.68 -10.38
N ARG A 132 7.97 18.88 -10.65
CA ARG A 132 9.38 19.25 -10.55
C ARG A 132 9.41 20.70 -10.13
N PRO A 133 10.28 21.09 -9.22
CA PRO A 133 11.26 20.25 -8.50
C PRO A 133 10.62 19.46 -7.35
N PRO A 134 11.35 18.48 -6.78
CA PRO A 134 10.82 17.74 -5.63
C PRO A 134 10.79 18.61 -4.39
N GLY A 135 10.36 18.04 -3.26
CA GLY A 135 10.17 18.85 -2.08
C GLY A 135 10.84 18.37 -0.81
N HIS A 136 10.92 17.05 -0.59
CA HIS A 136 11.06 16.54 0.78
C HIS A 136 12.39 16.93 1.46
N HIS A 137 13.45 17.23 0.69
CA HIS A 137 14.69 17.74 1.28
C HIS A 137 14.63 19.21 1.65
N SER A 138 13.66 19.95 1.12
CA SER A 138 13.59 21.39 1.32
C SER A 138 13.25 21.73 2.78
N GLN A 139 13.93 22.73 3.33
CA GLN A 139 13.74 23.13 4.73
C GLN A 139 13.21 24.57 4.79
N ARG A 140 12.95 25.05 6.01
N ARG A 140 12.96 25.04 6.02
CA ARG A 140 12.23 26.31 6.20
CA ARG A 140 12.27 26.31 6.23
C ARG A 140 12.99 27.52 5.65
C ARG A 140 12.99 27.48 5.56
N SER A 141 14.33 27.45 5.54
CA SER A 141 15.07 28.61 5.07
C SER A 141 16.19 28.20 4.15
N ALA A 142 16.04 27.07 3.47
CA ALA A 142 17.06 26.65 2.51
C ALA A 142 16.46 25.71 1.49
N ALA A 143 17.04 25.75 0.30
CA ALA A 143 16.89 24.68 -0.66
C ALA A 143 17.88 23.57 -0.36
N ASN A 144 17.58 22.38 -0.87
CA ASN A 144 18.42 21.23 -0.59
C ASN A 144 18.09 20.04 -1.48
N GLY A 145 19.14 19.45 -2.08
CA GLY A 145 18.97 18.21 -2.82
C GLY A 145 17.86 18.28 -3.84
N PHE A 146 17.98 19.22 -4.78
CA PHE A 146 17.08 19.49 -5.91
C PHE A 146 15.75 20.09 -5.48
N CYS A 147 15.48 20.24 -4.17
CA CYS A 147 14.22 20.80 -3.68
C CYS A 147 14.32 22.31 -3.40
N VAL A 148 13.30 23.04 -3.83
CA VAL A 148 13.15 24.46 -3.49
C VAL A 148 12.15 24.66 -2.36
N PHE A 149 10.96 24.05 -2.46
CA PHE A 149 9.92 24.19 -1.45
C PHE A 149 9.32 22.83 -1.14
N ASN A 150 8.90 22.65 0.10
CA ASN A 150 8.53 21.32 0.54
C ASN A 150 7.07 21.05 0.18
N ASN A 151 6.90 20.53 -1.05
CA ASN A 151 5.58 20.33 -1.64
C ASN A 151 4.67 19.51 -0.72
N VAL A 152 5.19 18.41 -0.17
CA VAL A 152 4.37 17.54 0.70
C VAL A 152 4.17 18.16 2.08
N ALA A 153 5.15 18.92 2.58
CA ALA A 153 4.92 19.67 3.81
C ALA A 153 3.73 20.61 3.64
N PHE A 154 3.72 21.41 2.56
CA PHE A 154 2.58 22.27 2.22
C PHE A 154 1.28 21.51 2.32
N ALA A 155 1.17 20.41 1.58
CA ALA A 155 -0.08 19.66 1.56
C ALA A 155 -0.63 19.43 2.95
N ALA A 156 0.21 19.02 3.90
CA ALA A 156 -0.29 18.64 5.23
C ALA A 156 -0.63 19.87 6.07
N LEU A 157 0.30 20.83 6.16
CA LEU A 157 -0.03 22.11 6.75
C LEU A 157 -1.31 22.69 6.16
N TYR A 158 -1.39 22.70 4.82
CA TYR A 158 -2.54 23.26 4.11
C TYR A 158 -3.82 22.48 4.39
N ALA A 159 -3.75 21.16 4.49
CA ALA A 159 -4.96 20.41 4.86
C ALA A 159 -5.28 20.59 6.35
N LYS A 160 -4.29 20.84 7.18
CA LYS A 160 -4.56 21.18 8.57
C LYS A 160 -5.34 22.48 8.66
N LYS A 161 -4.79 23.55 8.06
CA LYS A 161 -5.44 24.85 8.10
C LYS A 161 -6.84 24.79 7.47
N ASN A 162 -6.93 24.32 6.23
CA ASN A 162 -8.15 24.53 5.47
C ASN A 162 -9.18 23.42 5.63
N TYR A 163 -8.85 22.30 6.24
CA TYR A 163 -9.88 21.29 6.50
C TYR A 163 -9.94 20.86 7.96
N ASN A 164 -9.20 21.52 8.84
CA ASN A 164 -9.19 21.25 10.27
C ASN A 164 -8.91 19.76 10.57
N LEU A 165 -7.93 19.20 9.86
CA LEU A 165 -7.57 17.81 10.08
C LEU A 165 -6.70 17.70 11.33
N ASN A 166 -6.80 16.55 12.00
CA ASN A 166 -6.06 16.27 13.22
C ASN A 166 -4.99 15.20 13.07
N ARG A 167 -5.04 14.44 11.99
CA ARG A 167 -4.21 13.25 11.84
C ARG A 167 -3.94 13.06 10.36
N ILE A 168 -2.72 13.39 9.98
CA ILE A 168 -2.20 13.19 8.63
C ILE A 168 -1.01 12.23 8.71
N LEU A 169 -0.97 11.28 7.79
CA LEU A 169 0.13 10.34 7.66
C LEU A 169 0.91 10.65 6.37
N ILE A 170 2.18 11.03 6.51
CA ILE A 170 3.08 11.17 5.38
C ILE A 170 3.97 9.93 5.29
N VAL A 171 3.91 9.23 4.16
CA VAL A 171 4.75 8.07 3.88
C VAL A 171 5.76 8.49 2.82
N ASP A 172 7.05 8.48 3.18
CA ASP A 172 8.12 8.93 2.26
C ASP A 172 8.95 7.69 1.89
N TRP A 173 8.57 7.07 0.77
CA TRP A 173 9.23 5.85 0.29
C TRP A 173 10.26 6.15 -0.77
N ASP A 174 10.61 7.41 -0.96
CA ASP A 174 11.83 7.79 -1.67
C ASP A 174 13.04 7.08 -1.04
N VAL A 175 14.13 6.93 -1.79
CA VAL A 175 15.30 6.28 -1.20
C VAL A 175 16.10 7.24 -0.31
N HIS A 176 15.90 8.55 -0.43
CA HIS A 176 16.59 9.53 0.39
C HIS A 176 15.72 9.96 1.57
N HIS A 177 16.37 10.42 2.65
CA HIS A 177 15.64 10.87 3.83
C HIS A 177 15.00 12.24 3.57
N GLY A 178 13.70 12.35 3.85
CA GLY A 178 13.04 13.63 3.69
C GLY A 178 13.23 14.52 4.90
N GLN A 179 14.44 15.05 5.08
CA GLN A 179 14.72 15.72 6.36
C GLN A 179 13.91 17.00 6.50
N GLY A 180 13.61 17.68 5.39
CA GLY A 180 12.79 18.87 5.49
C GLY A 180 11.44 18.58 6.08
N ILE A 181 10.91 17.38 5.81
CA ILE A 181 9.60 17.02 6.32
C ILE A 181 9.70 16.65 7.79
N GLN A 182 10.79 15.96 8.16
CA GLN A 182 11.01 15.64 9.56
C GLN A 182 11.11 16.92 10.40
N TYR A 183 12.01 17.82 9.99
CA TYR A 183 12.16 19.09 10.71
C TYR A 183 10.83 19.79 10.89
N CYS A 184 10.06 19.87 9.80
CA CYS A 184 8.88 20.69 9.78
C CYS A 184 7.81 20.17 10.75
N PHE A 185 7.67 18.85 10.87
CA PHE A 185 6.66 18.29 11.75
C PHE A 185 7.24 17.62 13.01
N GLU A 186 8.53 17.85 13.31
CA GLU A 186 9.23 17.16 14.40
C GLU A 186 8.43 17.15 15.71
N GLU A 187 7.95 18.32 16.14
CA GLU A 187 7.16 18.42 17.37
C GLU A 187 5.66 18.27 17.14
N ASP A 188 5.23 17.96 15.92
CA ASP A 188 3.81 17.97 15.61
C ASP A 188 3.25 16.55 15.65
N PRO A 189 2.40 16.20 16.62
CA PRO A 189 1.83 14.85 16.68
C PRO A 189 0.67 14.64 15.74
N SER A 190 0.25 15.68 15.03
CA SER A 190 -0.85 15.51 14.09
C SER A 190 -0.38 15.05 12.72
N VAL A 191 0.91 15.16 12.45
CA VAL A 191 1.49 14.69 11.20
C VAL A 191 2.43 13.54 11.54
N LEU A 192 2.09 12.35 11.11
CA LEU A 192 2.91 11.16 11.34
C LEU A 192 3.81 10.94 10.11
N TYR A 193 5.12 11.08 10.30
CA TYR A 193 6.08 10.93 9.21
C TYR A 193 6.81 9.58 9.31
N PHE A 194 6.67 8.75 8.28
CA PHE A 194 7.45 7.55 8.10
C PHE A 194 8.34 7.73 6.88
N SER A 195 9.63 7.45 7.05
CA SER A 195 10.56 7.44 5.92
C SER A 195 11.49 6.25 6.09
N TRP A 196 11.57 5.40 5.08
CA TRP A 196 12.73 4.55 4.91
C TRP A 196 13.67 5.25 3.95
N HIS A 197 14.96 4.92 4.03
CA HIS A 197 15.95 5.59 3.19
C HIS A 197 17.28 4.88 3.31
N ARG A 198 18.02 4.90 2.20
CA ARG A 198 19.39 4.42 2.18
C ARG A 198 20.21 5.28 3.13
N TYR A 199 20.88 4.64 4.08
CA TYR A 199 21.63 5.30 5.13
C TYR A 199 23.10 4.89 5.12
N GLU A 200 23.37 3.58 5.14
CA GLU A 200 24.73 3.06 5.25
C GLU A 200 25.48 3.70 6.43
N HIS A 201 24.90 3.54 7.62
CA HIS A 201 25.48 4.03 8.89
C HIS A 201 26.00 5.47 8.75
N GLN A 202 25.14 6.34 8.23
CA GLN A 202 25.33 7.78 8.05
C GLN A 202 26.28 8.14 6.92
N SER A 203 26.79 7.17 6.17
CA SER A 203 27.76 7.53 5.16
C SER A 203 27.11 7.95 3.85
N PHE A 204 25.79 7.71 3.68
CA PHE A 204 25.06 8.12 2.48
C PHE A 204 24.37 9.47 2.68
N TRP A 205 24.33 10.25 1.58
CA TRP A 205 23.77 11.60 1.60
C TRP A 205 22.31 11.58 2.05
N PRO A 206 21.87 12.54 2.89
CA PRO A 206 22.54 13.77 3.34
C PRO A 206 23.44 13.66 4.59
N ASN A 207 23.70 12.44 5.07
CA ASN A 207 24.69 12.21 6.14
C ASN A 207 24.22 12.81 7.47
N LEU A 208 22.99 12.54 7.85
CA LEU A 208 22.44 13.16 9.04
C LEU A 208 22.29 12.15 10.17
N PRO A 209 22.76 12.46 11.37
CA PRO A 209 22.44 11.62 12.52
C PRO A 209 20.97 11.56 12.83
N GLU A 210 20.24 12.68 12.64
CA GLU A 210 18.78 12.69 12.80
C GLU A 210 18.10 11.75 11.83
N SER A 211 18.78 11.33 10.77
CA SER A 211 18.16 10.41 9.82
C SER A 211 18.02 9.00 10.38
N ASP A 212 18.70 8.68 11.47
CA ASP A 212 18.74 7.36 12.04
C ASP A 212 17.44 7.06 12.80
N TYR A 213 17.25 5.78 13.14
CA TYR A 213 16.05 5.32 13.83
C TYR A 213 15.90 5.92 15.23
N SER A 214 16.97 6.42 15.83
CA SER A 214 16.86 7.09 17.12
C SER A 214 15.94 8.31 17.08
N SER A 215 15.67 8.91 15.91
CA SER A 215 14.83 10.11 15.81
C SER A 215 13.37 9.69 15.76
N VAL A 216 12.63 10.05 16.80
CA VAL A 216 11.25 9.66 16.94
C VAL A 216 10.35 10.87 17.09
N GLY A 217 10.89 12.06 16.80
CA GLY A 217 10.20 13.31 17.10
C GLY A 217 10.60 13.86 18.45
N LYS A 218 10.16 15.10 18.70
CA LYS A 218 10.50 15.80 19.94
C LYS A 218 9.25 16.37 20.58
N GLY A 219 9.38 16.68 21.88
CA GLY A 219 8.32 17.31 22.64
C GLY A 219 7.04 16.50 22.55
N LYS A 220 5.92 17.19 22.35
CA LYS A 220 4.63 16.50 22.31
C LYS A 220 4.47 15.63 21.06
N GLY A 221 5.44 15.61 20.14
CA GLY A 221 5.36 14.82 18.93
C GLY A 221 6.24 13.60 18.86
N SER A 222 6.89 13.22 19.95
CA SER A 222 7.72 12.01 19.93
C SER A 222 6.86 10.76 19.74
N GLY A 223 7.36 9.84 18.91
CA GLY A 223 6.57 8.74 18.41
C GLY A 223 5.89 8.97 17.07
N PHE A 224 5.89 10.21 16.56
CA PHE A 224 5.24 10.51 15.29
C PHE A 224 6.26 10.80 14.20
N ASN A 225 7.53 10.45 14.44
CA ASN A 225 8.56 10.40 13.41
C ASN A 225 9.17 9.00 13.42
N ILE A 226 9.21 8.35 12.27
CA ILE A 226 9.62 6.95 12.17
C ILE A 226 10.61 6.86 11.02
N ASN A 227 11.91 6.84 11.36
CA ASN A 227 12.97 6.63 10.39
C ASN A 227 13.36 5.16 10.33
N LEU A 228 13.40 4.60 9.12
CA LEU A 228 13.86 3.24 8.89
C LEU A 228 15.08 3.28 7.99
N PRO A 229 16.29 3.27 8.55
CA PRO A 229 17.53 3.41 7.76
C PRO A 229 17.94 2.09 7.11
N TRP A 230 18.13 2.11 5.78
CA TRP A 230 18.72 0.98 5.10
C TRP A 230 20.22 1.15 5.18
N ASN A 231 20.90 0.19 5.81
CA ASN A 231 22.34 0.28 5.99
C ASN A 231 23.12 -0.49 4.93
N LYS A 232 22.44 -1.08 3.95
CA LYS A 232 23.05 -1.76 2.81
C LYS A 232 22.26 -1.44 1.55
N VAL A 233 22.93 -1.49 0.41
CA VAL A 233 22.25 -1.30 -0.87
C VAL A 233 21.67 -2.63 -1.29
N GLY A 234 20.90 -2.65 -2.38
CA GLY A 234 20.33 -3.90 -2.84
C GLY A 234 19.17 -4.44 -2.03
N MET A 235 18.44 -3.59 -1.30
CA MET A 235 17.23 -4.06 -0.65
C MET A 235 16.21 -4.58 -1.67
N THR A 236 15.38 -5.52 -1.24
CA THR A 236 14.51 -6.21 -2.16
C THR A 236 13.05 -6.07 -1.77
N ASN A 237 12.17 -6.52 -2.68
CA ASN A 237 10.74 -6.61 -2.38
C ASN A 237 10.52 -7.12 -0.97
N SER A 238 11.19 -8.21 -0.61
CA SER A 238 11.00 -8.81 0.71
C SER A 238 11.38 -7.83 1.82
N ASP A 239 12.43 -7.04 1.59
CA ASP A 239 12.80 -6.04 2.59
C ASP A 239 11.72 -4.97 2.71
N TYR A 240 11.27 -4.43 1.56
CA TYR A 240 10.25 -3.37 1.58
C TYR A 240 8.95 -3.85 2.21
N LEU A 241 8.51 -5.05 1.86
CA LEU A 241 7.26 -5.55 2.43
C LEU A 241 7.40 -5.78 3.93
N ALA A 242 8.56 -6.32 4.35
CA ALA A 242 8.79 -6.48 5.79
C ALA A 242 8.67 -5.15 6.50
N ALA A 243 9.26 -4.10 5.90
CA ALA A 243 9.15 -2.76 6.47
C ALA A 243 7.68 -2.34 6.64
N PHE A 244 6.85 -2.61 5.63
CA PHE A 244 5.45 -2.22 5.74
C PHE A 244 4.73 -3.09 6.77
N PHE A 245 4.87 -4.42 6.67
CA PHE A 245 4.09 -5.30 7.55
C PHE A 245 4.49 -5.16 9.02
N HIS A 246 5.76 -4.89 9.31
CA HIS A 246 6.23 -4.92 10.68
C HIS A 246 6.56 -3.57 11.27
N VAL A 247 6.44 -2.48 10.51
CA VAL A 247 6.65 -1.13 11.04
C VAL A 247 5.51 -0.21 10.64
N LEU A 248 5.43 0.11 9.33
CA LEU A 248 4.58 1.22 8.89
C LEU A 248 3.10 0.90 9.05
N LEU A 249 2.64 -0.21 8.46
CA LEU A 249 1.21 -0.54 8.55
C LEU A 249 0.74 -0.68 9.98
N PRO A 250 1.44 -1.39 10.86
CA PRO A 250 0.92 -1.52 12.23
C PRO A 250 0.74 -0.17 12.91
N VAL A 251 1.69 0.74 12.72
CA VAL A 251 1.54 2.08 13.26
C VAL A 251 0.43 2.82 12.54
N ALA A 252 0.40 2.72 11.21
CA ALA A 252 -0.54 3.51 10.42
C ALA A 252 -2.00 3.18 10.74
N TYR A 253 -2.32 1.89 10.91
CA TYR A 253 -3.71 1.58 11.24
C TYR A 253 -4.05 2.01 12.65
N GLU A 254 -3.07 2.01 13.55
CA GLU A 254 -3.32 2.50 14.91
C GLU A 254 -3.51 3.99 14.92
N PHE A 255 -2.69 4.71 14.13
CA PHE A 255 -2.84 6.15 14.02
C PHE A 255 -4.19 6.55 13.45
N ASP A 256 -4.74 5.74 12.51
CA ASP A 256 -5.99 6.06 11.81
C ASP A 256 -5.92 7.45 11.17
N PRO A 257 -5.11 7.64 10.14
CA PRO A 257 -4.95 8.98 9.58
C PRO A 257 -6.22 9.41 8.87
N GLU A 258 -6.53 10.70 8.98
CA GLU A 258 -7.67 11.25 8.25
C GLU A 258 -7.33 11.60 6.82
N LEU A 259 -6.06 11.45 6.44
CA LEU A 259 -5.53 11.76 5.11
C LEU A 259 -4.10 11.22 5.05
N VAL A 260 -3.77 10.61 3.92
CA VAL A 260 -2.48 9.97 3.68
C VAL A 260 -1.82 10.67 2.50
N ILE A 261 -0.58 11.13 2.70
CA ILE A 261 0.19 11.77 1.62
C ILE A 261 1.49 11.00 1.44
N VAL A 262 1.85 10.75 0.17
CA VAL A 262 3.05 9.99 -0.15
C VAL A 262 4.10 10.92 -0.77
N SER A 263 5.28 10.95 -0.17
CA SER A 263 6.46 11.42 -0.89
C SER A 263 6.86 10.23 -1.75
N ALA A 264 6.22 10.11 -2.89
CA ALA A 264 6.50 8.99 -3.78
C ALA A 264 7.69 9.36 -4.65
N GLY A 265 8.88 8.99 -4.20
CA GLY A 265 10.08 8.99 -5.04
C GLY A 265 10.38 7.57 -5.47
N PHE A 266 10.86 7.42 -6.71
CA PHE A 266 11.11 6.08 -7.23
C PHE A 266 12.59 5.79 -7.48
N ASP A 267 13.50 6.64 -6.99
CA ASP A 267 14.87 6.17 -6.84
C ASP A 267 15.01 4.99 -5.86
N SER A 268 13.94 4.58 -5.18
CA SER A 268 13.92 3.37 -4.37
C SER A 268 13.76 2.10 -5.20
N ALA A 269 13.89 2.19 -6.52
CA ALA A 269 13.52 1.09 -7.40
C ALA A 269 14.74 0.59 -8.17
N ILE A 270 14.65 -0.69 -8.55
CA ILE A 270 15.77 -1.35 -9.23
C ILE A 270 16.22 -0.54 -10.44
N GLY A 271 17.53 -0.44 -10.64
CA GLY A 271 18.10 0.29 -11.74
C GLY A 271 18.43 1.74 -11.47
N ASP A 272 17.94 2.31 -10.37
CA ASP A 272 18.20 3.72 -10.09
C ASP A 272 19.68 3.93 -9.75
N PRO A 273 20.38 4.82 -10.45
CA PRO A 273 21.82 4.96 -10.18
C PRO A 273 22.13 5.39 -8.74
N GLU A 274 21.24 6.13 -8.10
CA GLU A 274 21.46 6.66 -6.76
C GLU A 274 21.03 5.71 -5.65
N GLY A 275 19.87 5.11 -5.80
CA GLY A 275 19.32 4.32 -4.71
C GLY A 275 20.00 2.99 -4.59
N GLU A 276 20.30 2.40 -5.75
CA GLU A 276 20.98 1.10 -5.87
C GLU A 276 20.22 -0.02 -5.14
N MET A 277 18.90 0.13 -4.96
CA MET A 277 18.11 -0.95 -4.39
C MET A 277 17.72 -1.94 -5.49
N CYS A 278 16.90 -2.94 -5.14
CA CYS A 278 16.56 -4.03 -6.05
C CYS A 278 15.07 -4.31 -6.12
N ALA A 279 14.24 -3.50 -5.46
CA ALA A 279 12.80 -3.70 -5.53
C ALA A 279 12.29 -3.48 -6.95
N LEU A 280 11.41 -4.36 -7.37
CA LEU A 280 10.80 -4.27 -8.69
C LEU A 280 9.74 -3.18 -8.70
N PRO A 281 9.47 -2.59 -9.87
CA PRO A 281 8.35 -1.63 -9.98
C PRO A 281 7.05 -2.14 -9.39
N GLU A 282 6.73 -3.41 -9.65
CA GLU A 282 5.50 -4.01 -9.14
C GLU A 282 5.31 -3.80 -7.65
N ILE A 283 6.41 -3.68 -6.89
CA ILE A 283 6.27 -3.51 -5.44
C ILE A 283 5.44 -2.26 -5.14
N PHE A 284 5.56 -1.24 -5.99
CA PHE A 284 4.87 0.02 -5.75
C PHE A 284 3.37 -0.10 -5.99
N ALA A 285 2.93 -1.11 -6.75
CA ALA A 285 1.51 -1.42 -6.77
C ALA A 285 1.03 -1.83 -5.40
N HIS A 286 1.85 -2.59 -4.66
CA HIS A 286 1.40 -3.07 -3.36
C HIS A 286 1.61 -2.02 -2.28
N LEU A 287 2.76 -1.32 -2.33
CA LEU A 287 2.95 -0.19 -1.43
C LEU A 287 1.71 0.69 -1.40
N THR A 288 1.25 1.09 -2.59
CA THR A 288 0.03 1.88 -2.72
C THR A 288 -1.18 1.10 -2.18
N HIS A 289 -1.42 -0.09 -2.72
CA HIS A 289 -2.59 -0.87 -2.34
C HIS A 289 -2.70 -1.09 -0.84
N LEU A 290 -1.56 -1.19 -0.13
CA LEU A 290 -1.64 -1.52 1.28
C LEU A 290 -2.10 -0.34 2.13
N LEU A 291 -2.00 0.88 1.61
CA LEU A 291 -2.41 2.08 2.32
C LEU A 291 -3.82 2.54 1.96
N MET A 292 -4.38 2.06 0.85
CA MET A 292 -5.70 2.53 0.42
C MET A 292 -6.81 2.28 1.44
N PRO A 293 -6.81 1.21 2.25
CA PRO A 293 -7.83 1.11 3.30
C PRO A 293 -7.71 2.18 4.37
N LEU A 294 -6.78 3.13 4.27
CA LEU A 294 -6.62 4.15 5.28
C LEU A 294 -7.25 5.45 4.79
N ALA A 295 -7.87 6.19 5.72
CA ALA A 295 -8.50 7.48 5.41
C ALA A 295 -9.56 7.34 4.33
N ALA A 296 -10.27 6.21 4.31
CA ALA A 296 -11.30 5.95 3.30
C ALA A 296 -10.77 6.14 1.89
N GLY A 297 -9.46 5.88 1.71
CA GLY A 297 -8.84 5.90 0.41
C GLY A 297 -8.29 7.24 -0.01
N LYS A 298 -8.37 8.24 0.87
CA LYS A 298 -8.02 9.60 0.50
C LYS A 298 -6.50 9.73 0.52
N MET A 299 -5.87 9.41 -0.63
CA MET A 299 -4.43 9.32 -0.76
C MET A 299 -3.89 10.24 -1.86
N CYS A 300 -2.91 11.06 -1.49
CA CYS A 300 -2.30 12.06 -2.36
C CYS A 300 -0.84 11.68 -2.59
N VAL A 301 -0.60 10.96 -3.70
CA VAL A 301 0.75 10.59 -4.11
C VAL A 301 1.41 11.80 -4.74
N VAL A 302 2.65 12.08 -4.36
CA VAL A 302 3.38 13.23 -4.89
C VAL A 302 4.80 12.82 -5.28
N LEU A 303 5.22 13.21 -6.49
CA LEU A 303 6.49 12.74 -7.02
C LEU A 303 7.66 13.43 -6.33
N GLU A 304 8.66 12.64 -5.94
CA GLU A 304 9.92 13.18 -5.43
C GLU A 304 11.03 12.81 -6.42
N GLY A 305 11.92 11.87 -6.05
CA GLY A 305 13.01 11.46 -6.91
C GLY A 305 12.66 10.26 -7.79
N GLY A 306 13.64 9.87 -8.61
CA GLY A 306 13.55 8.75 -9.54
C GLY A 306 14.31 9.10 -10.80
N TYR A 307 15.41 8.39 -11.12
CA TYR A 307 16.37 8.89 -12.10
C TYR A 307 16.71 7.95 -13.24
N ASN A 308 16.33 6.70 -13.17
CA ASN A 308 16.48 5.81 -14.32
C ASN A 308 15.27 6.08 -15.20
N LEU A 309 15.48 6.80 -16.31
CA LEU A 309 14.34 7.14 -17.16
C LEU A 309 13.48 5.92 -17.53
N THR A 310 13.99 4.70 -17.34
CA THR A 310 13.21 3.49 -17.58
C THR A 310 12.62 2.87 -16.32
N SER A 311 13.43 2.69 -15.26
CA SER A 311 12.85 2.25 -13.98
C SER A 311 11.77 3.22 -13.49
N LEU A 312 11.81 4.47 -13.96
CA LEU A 312 10.91 5.51 -13.47
C LEU A 312 9.48 5.27 -13.97
N GLY A 313 9.30 5.32 -15.30
CA GLY A 313 7.96 5.20 -15.87
C GLY A 313 7.22 3.95 -15.42
N GLN A 314 7.93 2.83 -15.31
CA GLN A 314 7.28 1.59 -14.91
C GLN A 314 6.70 1.70 -13.50
N SER A 315 7.43 2.35 -12.58
CA SER A 315 6.93 2.49 -11.21
C SER A 315 5.82 3.53 -11.10
N VAL A 316 5.89 4.61 -11.90
CA VAL A 316 4.74 5.52 -11.99
C VAL A 316 3.49 4.74 -12.37
N CYS A 317 3.60 3.94 -13.45
CA CYS A 317 2.43 3.25 -13.99
C CYS A 317 1.86 2.25 -13.00
N GLN A 318 2.72 1.64 -12.18
CA GLN A 318 2.25 0.70 -11.16
C GLN A 318 1.50 1.39 -10.06
N THR A 319 1.87 2.64 -9.76
CA THR A 319 1.19 3.38 -8.70
C THR A 319 -0.19 3.83 -9.17
N VAL A 320 -0.25 4.50 -10.33
CA VAL A 320 -1.53 4.95 -10.86
C VAL A 320 -2.48 3.77 -11.04
N HIS A 321 -1.97 2.65 -11.58
CA HIS A 321 -2.79 1.43 -11.71
C HIS A 321 -3.53 1.12 -10.42
N SER A 322 -2.80 1.11 -9.28
CA SER A 322 -3.44 0.71 -8.03
C SER A 322 -4.37 1.80 -7.52
N LEU A 323 -3.99 3.06 -7.75
CA LEU A 323 -4.87 4.19 -7.46
C LEU A 323 -6.20 4.06 -8.22
N LEU A 324 -6.14 3.66 -9.50
CA LEU A 324 -7.34 3.39 -10.29
C LEU A 324 -8.04 2.09 -9.88
N GLY A 325 -7.45 1.30 -8.99
CA GLY A 325 -8.08 0.07 -8.53
C GLY A 325 -7.81 -1.16 -9.37
N ASP A 326 -6.91 -1.09 -10.34
CA ASP A 326 -6.64 -2.25 -11.19
C ASP A 326 -5.94 -3.36 -10.39
N PRO A 327 -6.09 -4.62 -10.82
CA PRO A 327 -5.50 -5.75 -10.07
C PRO A 327 -3.99 -5.62 -9.87
N THR A 328 -3.55 -5.98 -8.69
CA THR A 328 -2.13 -5.90 -8.35
C THR A 328 -1.39 -7.08 -8.96
N PRO A 329 -0.16 -6.90 -9.44
CA PRO A 329 0.57 -8.04 -9.99
C PRO A 329 1.02 -8.95 -8.86
N ARG A 330 1.06 -10.25 -9.14
CA ARG A 330 1.60 -11.17 -8.16
C ARG A 330 3.10 -10.91 -7.97
N ILE A 331 3.54 -10.81 -6.72
CA ILE A 331 4.97 -10.76 -6.41
C ILE A 331 5.41 -12.15 -5.99
N SER A 332 6.31 -12.74 -6.79
CA SER A 332 6.88 -14.04 -6.49
C SER A 332 8.31 -13.92 -5.93
N GLY A 333 8.77 -15.01 -5.32
CA GLY A 333 10.12 -15.05 -4.78
C GLY A 333 10.31 -14.36 -3.46
N LEU A 334 9.23 -14.10 -2.73
CA LEU A 334 9.35 -13.35 -1.50
C LEU A 334 9.86 -14.27 -0.41
N GLY A 335 10.56 -13.68 0.56
CA GLY A 335 11.01 -14.46 1.68
C GLY A 335 11.49 -13.54 2.77
N THR A 336 12.53 -13.95 3.50
CA THR A 336 13.04 -13.16 4.61
C THR A 336 13.66 -11.87 4.11
N ALA A 337 13.46 -10.81 4.88
CA ALA A 337 14.28 -9.63 4.68
C ALA A 337 15.72 -9.99 5.01
N CYS A 338 16.65 -9.37 4.28
CA CYS A 338 18.05 -9.56 4.58
C CYS A 338 18.35 -9.10 6.02
N ASP A 339 19.52 -9.54 6.53
CA ASP A 339 19.87 -9.33 7.94
C ASP A 339 20.04 -7.85 8.30
N SER A 340 20.62 -7.04 7.40
CA SER A 340 20.71 -5.61 7.65
C SER A 340 19.33 -4.99 7.82
N ALA A 341 18.38 -5.35 6.95
CA ALA A 341 17.02 -4.87 7.10
C ALA A 341 16.38 -5.40 8.38
N LEU A 342 16.61 -6.67 8.70
CA LEU A 342 16.10 -7.18 9.95
C LEU A 342 16.68 -6.41 11.12
N GLU A 343 17.93 -5.97 11.02
CA GLU A 343 18.55 -5.19 12.08
C GLU A 343 17.82 -3.86 12.25
N SER A 344 17.76 -3.05 11.18
CA SER A 344 17.01 -1.79 11.19
C SER A 344 15.59 -1.99 11.71
N ILE A 345 14.85 -2.91 11.10
CA ILE A 345 13.47 -3.16 11.52
C ILE A 345 13.42 -3.46 13.02
N GLN A 346 14.33 -4.32 13.47
CA GLN A 346 14.46 -4.66 14.89
C GLN A 346 14.65 -3.42 15.75
N ASN A 347 15.60 -2.56 15.38
CA ASN A 347 15.92 -1.40 16.18
C ASN A 347 14.78 -0.40 16.18
N VAL A 348 14.29 -0.04 15.00
CA VAL A 348 13.22 0.95 14.94
C VAL A 348 12.00 0.45 15.70
N ARG A 349 11.67 -0.84 15.57
CA ARG A 349 10.54 -1.38 16.31
C ARG A 349 10.76 -1.21 17.81
N ASN A 350 12.01 -1.39 18.26
CA ASN A 350 12.32 -1.37 19.68
C ASN A 350 12.28 0.05 20.24
N VAL A 351 12.90 1.01 19.56
CA VAL A 351 12.85 2.37 20.12
C VAL A 351 11.42 2.92 20.06
N GLN A 352 10.61 2.52 19.06
CA GLN A 352 9.23 3.01 18.96
C GLN A 352 8.30 2.36 19.98
N SER A 353 8.71 1.25 20.60
CA SER A 353 7.84 0.44 21.48
C SER A 353 7.13 1.27 22.53
N SER A 354 7.84 2.21 23.15
CA SER A 354 7.25 3.04 24.19
C SER A 354 6.11 3.93 23.70
N TYR A 355 5.80 3.93 22.39
CA TYR A 355 4.80 4.84 21.84
C TYR A 355 3.70 4.16 21.01
N TRP A 356 3.82 2.87 20.69
CA TRP A 356 2.83 2.24 19.83
C TRP A 356 2.42 0.87 20.39
N SER A 357 1.19 0.46 20.07
CA SER A 357 0.61 -0.75 20.66
C SER A 357 1.17 -2.04 20.03
N SER A 358 1.20 -2.13 18.69
CA SER A 358 1.70 -3.33 18.01
C SER A 358 3.12 -3.71 18.45
N PHE A 359 3.95 -2.72 18.78
CA PHE A 359 5.32 -2.97 19.23
C PHE A 359 5.43 -3.01 20.75
N LYS A 360 4.35 -2.62 21.46
CA LYS A 360 4.44 -2.35 22.90
C LYS A 360 4.87 -3.57 23.72
N HIS A 361 4.65 -4.78 23.19
CA HIS A 361 4.93 -6.05 23.85
C HIS A 361 6.41 -6.47 23.80
N LEU A 362 7.27 -5.68 23.16
CA LEU A 362 8.69 -6.02 23.05
C LEU A 362 9.56 -5.18 24.00
N ALA A 363 8.94 -4.32 24.80
CA ALA A 363 9.61 -3.55 25.85
C ALA A 363 9.29 -4.07 27.24
N GLN A 364 8.52 -5.16 27.33
CA GLN A 364 7.98 -5.78 28.57
C GLN A 364 7.91 -4.82 29.78
N ILE A 400 20.39 -1.18 -14.50
CA ILE A 400 20.44 -2.63 -14.57
C ILE A 400 19.65 -3.09 -15.81
N VAL A 401 19.32 -4.38 -15.85
CA VAL A 401 18.28 -4.95 -16.72
C VAL A 401 17.43 -5.88 -15.85
N TRP A 402 16.13 -5.64 -15.86
CA TRP A 402 15.12 -6.47 -15.22
C TRP A 402 14.07 -6.81 -16.26
N PRO A 403 13.13 -7.69 -15.96
CA PRO A 403 12.01 -7.93 -16.90
C PRO A 403 10.98 -6.82 -16.81
N GLU A 404 10.03 -6.85 -17.77
CA GLU A 404 8.99 -5.82 -17.84
C GLU A 404 7.75 -6.24 -17.06
N PRO A 405 6.91 -5.25 -16.64
CA PRO A 405 5.85 -5.55 -15.66
C PRO A 405 4.52 -6.08 -16.20
N LEU A 406 4.51 -6.79 -17.32
CA LEU A 406 3.31 -7.43 -17.87
C LEU A 406 2.27 -6.35 -18.22
N LYS A 407 0.99 -6.69 -18.11
CA LYS A 407 -0.12 -5.76 -18.31
C LYS A 407 -1.23 -6.12 -17.33
N ARG A 408 -1.90 -5.09 -16.79
CA ARG A 408 -2.94 -5.25 -15.78
C ARG A 408 -4.28 -4.81 -16.38
N MET A 409 -4.89 -5.70 -17.15
CA MET A 409 -6.18 -5.41 -17.75
C MET A 409 -7.24 -5.22 -16.66
N PRO A 410 -7.91 -4.07 -16.58
CA PRO A 410 -9.06 -3.94 -15.66
C PRO A 410 -10.18 -4.87 -16.08
N ALA A 411 -10.85 -5.45 -15.08
CA ALA A 411 -11.89 -6.45 -15.31
C ALA A 411 -13.22 -5.79 -15.69
N SER A 412 -13.90 -6.37 -16.69
CA SER A 412 -15.14 -5.78 -17.23
C SER A 412 -16.22 -5.68 -16.16
N VAL A 413 -16.61 -6.82 -15.59
CA VAL A 413 -17.38 -6.87 -14.36
C VAL A 413 -16.42 -7.30 -13.26
N ARG A 414 -16.07 -6.39 -12.35
CA ARG A 414 -15.10 -6.74 -11.32
C ARG A 414 -15.62 -7.84 -10.39
N THR A 415 -16.87 -7.77 -9.96
CA THR A 415 -17.37 -8.62 -8.87
C THR A 415 -18.72 -9.25 -9.19
N VAL A 416 -18.74 -10.56 -9.37
CA VAL A 416 -19.99 -11.29 -9.51
C VAL A 416 -20.58 -11.59 -8.14
N VAL A 417 -21.89 -11.38 -8.01
CA VAL A 417 -22.60 -11.63 -6.74
C VAL A 417 -23.66 -12.68 -6.97
N VAL A 418 -23.87 -13.53 -5.97
CA VAL A 418 -24.81 -14.63 -6.10
C VAL A 418 -25.56 -14.73 -4.78
N PRO A 419 -26.61 -13.91 -4.59
CA PRO A 419 -27.36 -13.93 -3.33
C PRO A 419 -28.34 -15.08 -3.31
N PRO A 420 -28.95 -15.38 -2.16
CA PRO A 420 -29.92 -16.48 -2.11
C PRO A 420 -31.01 -16.29 -3.14
N PRO A 421 -31.59 -17.39 -3.64
CA PRO A 421 -32.57 -17.27 -4.74
C PRO A 421 -33.76 -16.42 -4.34
N GLY A 422 -34.16 -15.53 -5.26
CA GLY A 422 -35.24 -14.61 -5.00
C GLY A 422 -34.77 -13.25 -4.51
N VAL A 423 -33.99 -13.25 -3.40
CA VAL A 423 -33.53 -11.99 -2.84
C VAL A 423 -32.68 -11.27 -3.88
N GLU A 424 -32.89 -9.97 -4.01
CA GLU A 424 -32.13 -9.17 -4.94
C GLU A 424 -31.80 -7.85 -4.28
N LEU A 425 -30.61 -7.33 -4.60
CA LEU A 425 -30.01 -6.22 -3.86
C LEU A 425 -29.48 -5.19 -4.85
N THR A 426 -29.05 -4.06 -4.30
CA THR A 426 -28.51 -2.94 -5.06
C THR A 426 -27.01 -3.10 -5.21
N LEU A 427 -26.52 -3.10 -6.45
CA LEU A 427 -25.12 -3.45 -6.73
C LEU A 427 -24.41 -2.33 -7.48
N PRO A 428 -23.20 -1.94 -7.03
CA PRO A 428 -22.42 -0.93 -7.76
C PRO A 428 -22.15 -1.36 -9.20
N LYS A 429 -21.89 -0.37 -10.06
CA LYS A 429 -21.93 -0.57 -11.51
C LYS A 429 -21.01 -1.67 -11.99
N ASN A 430 -19.98 -2.02 -11.23
CA ASN A 430 -19.04 -3.07 -11.61
C ASN A 430 -19.35 -4.41 -10.94
N CYS A 431 -20.63 -4.70 -10.69
CA CYS A 431 -21.09 -5.98 -10.17
C CYS A 431 -22.26 -6.51 -10.98
N GLN A 432 -22.66 -7.74 -10.67
CA GLN A 432 -23.55 -8.51 -11.53
C GLN A 432 -23.99 -9.75 -10.76
N HIS A 433 -24.92 -10.52 -11.34
CA HIS A 433 -25.49 -11.70 -10.71
C HIS A 433 -24.99 -12.99 -11.41
N SER A 434 -25.65 -14.11 -11.11
CA SER A 434 -25.37 -15.38 -11.81
C SER A 434 -25.42 -15.20 -13.35
N ILE A 437 -26.08 -20.22 -15.70
CA ILE A 437 -25.47 -21.55 -15.53
C ILE A 437 -25.54 -22.35 -16.83
N SER A 438 -24.38 -22.68 -17.38
CA SER A 438 -24.28 -23.39 -18.65
C SER A 438 -24.62 -24.87 -18.47
N GLU A 439 -24.85 -25.54 -19.60
CA GLU A 439 -25.05 -26.98 -19.60
C GLU A 439 -23.77 -27.72 -19.26
N SER A 440 -22.64 -27.29 -19.84
CA SER A 440 -21.34 -27.86 -19.50
C SER A 440 -21.09 -27.77 -17.99
N THR A 441 -21.35 -26.60 -17.42
CA THR A 441 -21.30 -26.43 -15.97
C THR A 441 -22.23 -27.41 -15.26
N ALA A 442 -23.43 -27.62 -15.82
CA ALA A 442 -24.49 -28.34 -15.12
C ALA A 442 -24.25 -29.85 -15.09
N LYS A 443 -23.64 -30.40 -16.15
CA LYS A 443 -23.27 -31.81 -16.14
C LYS A 443 -22.15 -32.08 -15.14
N GLU A 444 -21.20 -31.13 -15.02
CA GLU A 444 -20.09 -31.30 -14.10
C GLU A 444 -20.57 -31.40 -12.66
N VAL A 445 -21.62 -30.64 -12.31
CA VAL A 445 -22.28 -30.82 -11.02
C VAL A 445 -22.91 -32.20 -10.94
N GLN A 446 -23.55 -32.65 -12.04
CA GLN A 446 -24.03 -34.02 -12.08
C GLN A 446 -22.87 -35.00 -11.88
N ARG A 447 -21.77 -34.80 -12.62
CA ARG A 447 -20.56 -35.62 -12.47
C ARG A 447 -20.09 -35.68 -11.02
N ILE A 448 -19.93 -34.51 -10.39
CA ILE A 448 -19.46 -34.45 -9.01
C ILE A 448 -20.46 -35.09 -8.05
N ARG A 449 -21.77 -35.01 -8.35
CA ARG A 449 -22.77 -35.60 -7.48
C ARG A 449 -22.57 -37.11 -7.36
N ASP A 450 -22.45 -37.78 -8.50
CA ASP A 450 -22.37 -39.24 -8.49
C ASP A 450 -21.06 -39.72 -7.87
N LYS A 451 -19.97 -38.99 -8.09
CA LYS A 451 -18.67 -39.46 -7.64
C LYS A 451 -18.43 -39.21 -6.14
N HIS A 452 -19.01 -38.15 -5.56
CA HIS A 452 -18.58 -37.74 -4.22
C HIS A 452 -19.68 -37.49 -3.21
N PHE A 453 -20.88 -37.17 -3.69
CA PHE A 453 -22.02 -36.88 -2.81
C PHE A 453 -23.21 -37.70 -3.33
N HIS A 454 -23.30 -38.95 -2.87
CA HIS A 454 -24.30 -39.87 -3.38
C HIS A 454 -25.71 -39.46 -2.94
N ASP A 455 -25.84 -38.92 -1.73
CA ASP A 455 -27.14 -38.48 -1.21
C ASP A 455 -27.44 -37.01 -1.56
N LEU A 456 -26.95 -36.52 -2.70
CA LEU A 456 -27.16 -35.13 -3.16
C LEU A 456 -26.76 -34.11 -2.08
N GLN A 459 -30.65 -30.37 -3.69
CA GLN A 459 -31.83 -29.49 -3.68
C GLN A 459 -31.55 -28.09 -4.29
N ASN A 460 -31.59 -27.07 -3.43
CA ASN A 460 -31.11 -25.73 -3.77
C ASN A 460 -29.64 -25.54 -3.36
N ILE A 461 -28.92 -26.65 -3.17
CA ILE A 461 -27.48 -26.64 -2.91
C ILE A 461 -26.77 -26.94 -4.23
N LEU A 462 -27.38 -27.75 -5.06
CA LEU A 462 -26.83 -27.96 -6.39
C LEU A 462 -26.96 -26.69 -7.28
N ARG A 463 -27.41 -25.60 -6.67
CA ARG A 463 -27.33 -24.26 -7.25
C ARG A 463 -26.10 -23.52 -6.76
N SER A 464 -25.89 -23.51 -5.44
CA SER A 464 -24.63 -23.05 -4.86
C SER A 464 -23.44 -23.67 -5.61
N LEU A 465 -23.42 -25.00 -5.70
CA LEU A 465 -22.33 -25.69 -6.40
C LEU A 465 -22.26 -25.25 -7.86
N GLY A 466 -23.41 -25.11 -8.53
CA GLY A 466 -23.40 -24.75 -9.94
C GLY A 466 -22.85 -23.37 -10.19
N ASN A 467 -23.09 -22.44 -9.27
CA ASN A 467 -22.62 -21.07 -9.49
C ASN A 467 -21.14 -20.94 -9.15
N ILE A 468 -20.73 -21.53 -8.02
CA ILE A 468 -19.32 -21.62 -7.60
C ILE A 468 -18.45 -21.96 -8.80
N ILE A 469 -18.88 -22.92 -9.61
CA ILE A 469 -18.08 -23.32 -10.76
C ILE A 469 -18.03 -22.20 -11.80
N SER A 470 -19.20 -21.67 -12.17
CA SER A 470 -19.24 -20.64 -13.21
C SER A 470 -18.52 -19.36 -12.78
N VAL A 471 -18.58 -19.01 -11.49
CA VAL A 471 -17.82 -17.83 -11.06
C VAL A 471 -16.31 -18.13 -11.13
N LEU A 472 -15.86 -19.26 -10.57
CA LEU A 472 -14.46 -19.65 -10.70
C LEU A 472 -14.08 -19.74 -12.16
N ASP A 473 -14.96 -20.32 -12.97
CA ASP A 473 -14.71 -20.37 -14.41
C ASP A 473 -14.61 -18.96 -14.98
N ARG A 474 -15.49 -18.05 -14.55
CA ARG A 474 -15.42 -16.70 -15.07
C ARG A 474 -14.17 -15.98 -14.55
N MET A 475 -13.76 -16.26 -13.30
CA MET A 475 -12.59 -15.62 -12.71
C MET A 475 -11.30 -16.12 -13.35
N MET A 476 -11.10 -17.45 -13.37
CA MET A 476 -9.81 -18.01 -13.76
C MET A 476 -9.61 -18.03 -15.27
N ARG A 477 -10.67 -17.96 -16.06
CA ARG A 477 -10.54 -18.22 -17.48
C ARG A 477 -10.38 -16.95 -18.31
N SER A 478 -11.10 -15.87 -18.00
CA SER A 478 -11.36 -14.84 -18.99
C SER A 478 -10.80 -13.46 -18.70
N ASP A 479 -10.35 -13.17 -17.47
CA ASP A 479 -10.04 -11.79 -17.09
C ASP A 479 -11.23 -10.87 -17.34
N GLU A 480 -12.44 -11.44 -17.23
CA GLU A 480 -13.68 -10.70 -17.33
C GLU A 480 -14.18 -10.41 -15.93
N VAL A 481 -14.73 -11.44 -15.25
CA VAL A 481 -14.95 -11.36 -13.82
C VAL A 481 -13.61 -11.51 -13.11
N CYS A 482 -13.39 -10.67 -12.09
CA CYS A 482 -12.14 -10.64 -11.36
C CYS A 482 -12.23 -11.40 -10.04
N ASN A 483 -13.24 -11.09 -9.23
CA ASN A 483 -13.55 -11.88 -8.04
C ASN A 483 -15.06 -12.02 -7.96
N GLY A 484 -15.53 -12.67 -6.90
CA GLY A 484 -16.94 -12.88 -6.72
C GLY A 484 -17.26 -13.27 -5.30
N CYS A 485 -18.54 -13.31 -5.01
CA CYS A 485 -19.00 -13.80 -3.72
C CYS A 485 -20.32 -14.52 -3.89
N VAL A 486 -20.48 -15.61 -3.13
CA VAL A 486 -21.58 -16.54 -3.29
C VAL A 486 -22.07 -16.92 -1.91
N VAL A 487 -23.36 -16.67 -1.63
CA VAL A 487 -23.96 -17.12 -0.37
C VAL A 487 -24.37 -18.57 -0.55
N VAL A 488 -24.17 -19.35 0.51
CA VAL A 488 -24.12 -20.80 0.39
C VAL A 488 -24.81 -21.42 1.61
N SER A 489 -25.34 -22.64 1.43
CA SER A 489 -26.09 -23.34 2.49
C SER A 489 -25.19 -24.32 3.24
N ASP A 490 -24.84 -25.43 2.60
CA ASP A 490 -23.93 -26.35 3.24
C ASP A 490 -22.51 -25.86 3.07
N LEU A 491 -21.75 -25.83 4.16
CA LEU A 491 -20.34 -25.46 4.08
C LEU A 491 -19.53 -26.56 3.39
N SER A 492 -19.56 -27.78 3.96
CA SER A 492 -18.59 -28.80 3.59
C SER A 492 -18.66 -29.12 2.10
N VAL A 493 -19.86 -29.40 1.59
CA VAL A 493 -19.98 -29.77 0.18
C VAL A 493 -19.53 -28.61 -0.71
N SER A 494 -19.74 -27.37 -0.25
CA SER A 494 -19.46 -26.23 -1.12
C SER A 494 -17.99 -25.83 -1.10
N VAL A 495 -17.38 -25.80 0.08
CA VAL A 495 -15.94 -25.50 0.16
C VAL A 495 -15.13 -26.54 -0.58
N GLN A 496 -15.46 -27.82 -0.40
CA GLN A 496 -14.74 -28.89 -1.08
C GLN A 496 -14.84 -28.72 -2.59
N CYS A 497 -16.07 -28.68 -3.11
CA CYS A 497 -16.27 -28.46 -4.53
C CYS A 497 -15.55 -27.19 -5.00
N ALA A 498 -15.58 -26.13 -4.19
CA ALA A 498 -14.90 -24.90 -4.57
C ALA A 498 -13.39 -25.11 -4.68
N LEU A 499 -12.79 -25.64 -3.61
CA LEU A 499 -11.34 -25.81 -3.55
C LEU A 499 -10.87 -26.79 -4.63
N GLN A 500 -11.53 -27.94 -4.75
CA GLN A 500 -11.12 -28.92 -5.75
C GLN A 500 -11.27 -28.38 -7.16
N HIS A 501 -12.34 -27.64 -7.43
CA HIS A 501 -12.51 -27.09 -8.76
C HIS A 501 -11.46 -26.02 -9.04
N ALA A 502 -10.97 -25.37 -7.98
CA ALA A 502 -9.94 -24.35 -8.15
C ALA A 502 -8.57 -24.97 -8.41
N LEU A 503 -8.24 -26.06 -7.72
CA LEU A 503 -6.94 -26.73 -7.90
C LEU A 503 -6.77 -27.25 -9.32
N THR A 504 -7.86 -27.62 -9.98
CA THR A 504 -7.84 -28.08 -11.36
C THR A 504 -8.12 -26.94 -12.37
N GLU A 505 -8.28 -25.70 -11.89
CA GLU A 505 -8.68 -24.61 -12.78
C GLU A 505 -7.75 -24.36 -13.96
N PRO A 506 -6.40 -24.38 -13.83
CA PRO A 506 -5.52 -24.65 -12.68
C PRO A 506 -5.24 -23.43 -11.80
N ALA A 507 -5.26 -23.66 -10.50
CA ALA A 507 -4.66 -22.75 -9.53
C ALA A 507 -3.53 -23.56 -8.88
N GLU A 508 -2.28 -23.17 -9.15
CA GLU A 508 -1.16 -23.86 -8.55
C GLU A 508 -1.28 -23.87 -7.02
N ARG A 509 -1.74 -22.77 -6.42
CA ARG A 509 -1.86 -22.66 -4.97
C ARG A 509 -3.10 -21.87 -4.58
N VAL A 510 -3.74 -22.31 -3.51
CA VAL A 510 -4.94 -21.65 -3.01
C VAL A 510 -4.69 -21.25 -1.57
N LEU A 511 -4.76 -19.95 -1.30
CA LEU A 511 -4.86 -19.47 0.06
C LEU A 511 -6.30 -19.53 0.50
N VAL A 512 -6.55 -20.16 1.64
CA VAL A 512 -7.89 -20.28 2.20
C VAL A 512 -7.91 -19.54 3.53
N VAL A 513 -8.83 -18.60 3.67
CA VAL A 513 -9.02 -17.90 4.94
C VAL A 513 -10.46 -18.11 5.40
N TYR A 514 -10.62 -18.81 6.52
CA TYR A 514 -11.91 -19.29 7.00
C TYR A 514 -12.17 -18.72 8.39
N VAL A 515 -13.35 -18.11 8.57
CA VAL A 515 -13.74 -17.57 9.86
C VAL A 515 -14.81 -18.47 10.45
N GLY A 516 -14.40 -19.42 11.28
CA GLY A 516 -15.34 -20.36 11.84
C GLY A 516 -14.60 -21.37 12.70
N ASP A 517 -15.37 -22.28 13.30
CA ASP A 517 -14.87 -23.16 14.33
C ASP A 517 -14.80 -24.62 13.96
N GLY A 518 -15.42 -25.03 12.86
CA GLY A 518 -15.37 -26.43 12.46
C GLY A 518 -14.00 -26.87 11.98
N GLU A 519 -13.99 -27.93 11.17
CA GLU A 519 -12.79 -28.34 10.44
C GLU A 519 -13.21 -28.47 8.97
N LEU A 520 -12.94 -27.43 8.19
CA LEU A 520 -13.33 -27.48 6.80
C LEU A 520 -12.54 -28.59 6.09
N PRO A 521 -13.18 -29.38 5.22
CA PRO A 521 -12.45 -30.41 4.48
C PRO A 521 -11.38 -29.85 3.57
N VAL A 522 -10.31 -29.32 4.18
CA VAL A 522 -9.19 -28.76 3.44
C VAL A 522 -7.96 -29.51 3.95
N LYS A 523 -7.46 -30.46 3.16
CA LYS A 523 -6.19 -31.11 3.46
C LYS A 523 -5.05 -30.17 3.09
N THR A 524 -4.09 -30.00 4.01
CA THR A 524 -2.91 -29.16 3.80
C THR A 524 -1.60 -29.96 3.72
N ASN A 525 -1.68 -31.26 3.40
CA ASN A 525 -0.46 -32.06 3.28
C ASN A 525 0.39 -31.58 2.11
N ASP A 526 -0.20 -31.52 0.91
CA ASP A 526 0.54 -31.29 -0.34
C ASP A 526 1.30 -29.97 -0.38
N GLY A 527 0.93 -28.98 0.43
CA GLY A 527 1.56 -27.68 0.31
C GLY A 527 1.12 -26.84 -0.88
N LYS A 528 0.09 -27.24 -1.62
CA LYS A 528 -0.55 -26.32 -2.56
C LYS A 528 -1.72 -25.58 -1.91
N VAL A 529 -2.03 -25.88 -0.66
CA VAL A 529 -3.05 -25.17 0.10
C VAL A 529 -2.43 -24.67 1.40
N PHE A 530 -2.58 -23.37 1.66
CA PHE A 530 -2.36 -22.80 2.99
C PHE A 530 -3.68 -22.32 3.58
N LEU A 531 -3.89 -22.57 4.87
CA LEU A 531 -5.15 -22.28 5.51
C LEU A 531 -4.96 -21.33 6.68
N VAL A 532 -5.72 -20.24 6.69
CA VAL A 532 -5.81 -19.30 7.80
C VAL A 532 -7.18 -19.50 8.46
N GLN A 533 -7.18 -20.00 9.70
CA GLN A 533 -8.42 -20.23 10.43
C GLN A 533 -8.54 -19.23 11.57
N ILE A 534 -9.65 -18.51 11.60
CA ILE A 534 -9.92 -17.54 12.64
C ILE A 534 -11.15 -18.06 13.37
N CYS A 535 -10.90 -18.71 14.50
CA CYS A 535 -11.93 -19.38 15.26
C CYS A 535 -11.98 -18.80 16.66
N THR A 536 -12.97 -19.26 17.43
CA THR A 536 -13.18 -18.81 18.79
C THR A 536 -12.68 -19.81 19.82
N LYS A 537 -12.26 -21.00 19.38
CA LYS A 537 -11.84 -22.07 20.27
C LYS A 537 -10.40 -22.45 19.96
N GLU A 538 -9.54 -22.39 20.97
CA GLU A 538 -8.12 -22.72 20.81
C GLU A 538 -7.97 -24.10 20.18
N THR A 539 -7.14 -24.18 19.14
CA THR A 539 -6.94 -25.44 18.43
C THR A 539 -5.49 -25.47 17.96
N GLU A 540 -4.62 -26.05 18.79
CA GLU A 540 -3.19 -26.08 18.53
C GLU A 540 -2.88 -26.67 17.16
N ASP A 541 -2.32 -25.83 16.29
CA ASP A 541 -1.86 -26.29 14.98
C ASP A 541 -0.61 -27.13 15.14
N LYS A 542 -0.48 -28.12 14.26
CA LYS A 542 0.71 -28.96 14.26
C LYS A 542 1.73 -28.51 13.23
N CYS A 543 1.32 -28.31 11.99
CA CYS A 543 2.30 -28.10 10.94
C CYS A 543 2.13 -26.76 10.25
N VAL A 544 3.12 -26.44 9.42
CA VAL A 544 3.43 -25.06 9.04
C VAL A 544 2.68 -24.64 7.78
N ASN A 545 1.59 -25.34 7.46
CA ASN A 545 0.73 -24.87 6.37
C ASN A 545 -0.65 -24.47 6.85
N ARG A 546 -0.84 -24.32 8.17
CA ARG A 546 -2.05 -23.79 8.76
C ARG A 546 -1.67 -22.71 9.76
N LEU A 547 -2.51 -21.69 9.87
CA LEU A 547 -2.37 -20.66 10.89
C LEU A 547 -3.71 -20.47 11.58
N THR A 548 -3.78 -20.81 12.86
CA THR A 548 -5.03 -20.94 13.58
C THR A 548 -5.02 -20.01 14.79
N LEU A 549 -5.81 -18.94 14.72
CA LEU A 549 -5.87 -17.91 15.76
C LEU A 549 -7.18 -17.97 16.52
N CYS A 550 -7.11 -17.88 17.84
CA CYS A 550 -8.28 -17.86 18.70
C CYS A 550 -8.18 -16.65 19.62
N LEU A 551 -9.01 -15.63 19.35
CA LEU A 551 -8.94 -14.38 20.07
C LEU A 551 -9.82 -14.41 21.33
N ARG A 552 -9.37 -13.71 22.37
CA ARG A 552 -10.12 -13.59 23.62
C ARG A 552 -10.88 -12.26 23.69
N GLY A 554 -13.70 -9.98 24.05
CA GLY A 554 -14.52 -9.54 22.91
C GLY A 554 -14.36 -8.10 22.44
N GLU A 555 -14.12 -7.16 23.38
CA GLU A 555 -13.91 -5.77 23.00
C GLU A 555 -12.59 -5.62 22.26
N SER A 556 -11.55 -6.23 22.82
CA SER A 556 -10.24 -6.47 22.21
C SER A 556 -10.26 -6.91 20.75
N LEU A 557 -11.33 -7.61 20.36
CA LEU A 557 -11.29 -8.49 19.19
C LEU A 557 -10.98 -7.75 17.89
N THR A 558 -11.31 -6.47 17.79
CA THR A 558 -11.01 -5.78 16.55
C THR A 558 -9.52 -5.44 16.44
N ALA A 559 -8.97 -4.75 17.46
CA ALA A 559 -7.56 -4.38 17.41
C ALA A 559 -6.66 -5.61 17.46
N GLY A 560 -7.13 -6.72 18.02
CA GLY A 560 -6.38 -7.95 17.92
C GLY A 560 -6.30 -8.46 16.49
N PHE A 561 -7.44 -8.45 15.80
CA PHE A 561 -7.48 -8.93 14.42
C PHE A 561 -6.53 -8.15 13.52
N MET A 562 -6.47 -6.81 13.67
CA MET A 562 -5.67 -6.01 12.73
C MET A 562 -4.18 -6.26 12.91
N GLN A 563 -3.68 -6.32 14.15
CA GLN A 563 -2.28 -6.67 14.36
C GLN A 563 -1.96 -8.01 13.71
N ALA A 564 -2.82 -9.02 13.93
CA ALA A 564 -2.60 -10.33 13.31
C ALA A 564 -2.70 -10.27 11.80
N LEU A 565 -3.60 -9.43 11.28
CA LEU A 565 -3.73 -9.32 9.83
C LEU A 565 -2.46 -8.72 9.22
N LEU A 566 -1.89 -7.71 9.86
CA LEU A 566 -0.70 -7.09 9.29
C LEU A 566 0.58 -7.81 9.70
N GLY A 567 0.61 -8.38 10.90
CA GLY A 567 1.82 -9.00 11.41
C GLY A 567 2.01 -10.43 10.92
N LEU A 568 0.92 -11.21 10.87
CA LEU A 568 0.99 -12.63 10.55
C LEU A 568 0.36 -12.97 9.20
N ILE A 569 -0.92 -12.63 8.99
CA ILE A 569 -1.64 -13.15 7.81
C ILE A 569 -1.04 -12.58 6.53
N LEU A 570 -0.91 -11.26 6.45
CA LEU A 570 -0.37 -10.67 5.23
C LEU A 570 1.05 -11.13 4.91
N PRO A 571 2.00 -11.23 5.87
CA PRO A 571 3.33 -11.73 5.49
C PRO A 571 3.35 -13.13 4.93
N VAL A 572 2.52 -14.05 5.48
CA VAL A 572 2.51 -15.42 4.98
C VAL A 572 1.87 -15.49 3.61
N ALA A 573 0.67 -14.91 3.47
CA ALA A 573 -0.01 -14.88 2.19
C ALA A 573 0.89 -14.34 1.08
N TYR A 574 1.67 -13.30 1.39
CA TYR A 574 2.51 -12.72 0.37
C TYR A 574 3.69 -13.64 0.03
N GLU A 575 4.23 -14.36 1.01
CA GLU A 575 5.27 -15.32 0.67
C GLU A 575 4.67 -16.47 -0.13
N PHE A 576 3.49 -16.95 0.29
CA PHE A 576 2.84 -18.08 -0.36
C PHE A 576 2.57 -17.81 -1.84
N ASN A 577 2.20 -16.58 -2.19
CA ASN A 577 1.83 -16.17 -3.56
C ASN A 577 0.76 -17.09 -4.15
N PRO A 578 -0.50 -16.98 -3.71
CA PRO A 578 -1.54 -17.88 -4.21
C PRO A 578 -2.02 -17.44 -5.59
N ALA A 579 -2.57 -18.41 -6.32
CA ALA A 579 -3.24 -18.12 -7.57
C ALA A 579 -4.70 -17.75 -7.35
N LEU A 580 -5.26 -18.12 -6.20
CA LEU A 580 -6.64 -17.81 -5.87
C LEU A 580 -6.78 -17.76 -4.35
N VAL A 581 -7.51 -16.78 -3.84
CA VAL A 581 -7.89 -16.75 -2.43
C VAL A 581 -9.31 -17.29 -2.28
N LEU A 582 -9.53 -18.13 -1.27
CA LEU A 582 -10.85 -18.68 -0.95
C LEU A 582 -11.28 -18.16 0.41
N GLY A 583 -12.24 -17.25 0.43
CA GLY A 583 -12.80 -16.76 1.68
C GLY A 583 -14.03 -17.56 2.08
N ILE A 584 -14.14 -17.82 3.39
CA ILE A 584 -15.22 -18.62 3.96
C ILE A 584 -15.62 -18.03 5.30
N VAL A 585 -16.93 -17.85 5.51
CA VAL A 585 -17.44 -17.36 6.80
C VAL A 585 -18.61 -18.25 7.25
N GLU A 586 -18.57 -18.65 8.52
CA GLU A 586 -19.59 -19.50 9.14
C GLU A 586 -20.75 -18.65 9.66
N GLU A 587 -21.98 -19.20 9.59
CA GLU A 587 -23.15 -18.51 10.14
C GLU A 587 -22.93 -18.12 11.61
N THR A 588 -22.57 -19.09 12.45
CA THR A 588 -22.40 -18.89 13.89
C THR A 588 -21.57 -17.65 14.18
N ALA A 589 -20.30 -17.68 13.81
CA ALA A 589 -19.37 -16.56 14.05
C ALA A 589 -19.76 -15.31 13.24
N ARG A 593 -17.70 -10.28 16.22
CA ARG A 593 -17.41 -8.87 16.00
C ARG A 593 -16.61 -8.66 14.71
N LEU A 594 -16.63 -9.68 13.85
CA LEU A 594 -15.94 -9.64 12.56
C LEU A 594 -16.79 -9.00 11.47
N MET A 595 -17.61 -8.01 11.83
CA MET A 595 -18.20 -7.08 10.88
C MET A 595 -17.37 -5.82 10.75
N ARG A 596 -16.53 -5.52 11.74
CA ARG A 596 -15.69 -4.32 11.73
C ARG A 596 -14.46 -4.48 10.85
N VAL A 597 -13.96 -5.71 10.69
CA VAL A 597 -12.67 -5.93 10.04
C VAL A 597 -12.79 -6.56 8.67
N TRP A 598 -13.88 -7.25 8.36
CA TRP A 598 -13.97 -8.00 7.11
C TRP A 598 -13.67 -7.12 5.91
N GLY A 599 -14.15 -5.88 5.92
CA GLY A 599 -13.86 -4.98 4.81
C GLY A 599 -12.37 -4.76 4.64
N HIS A 600 -11.66 -4.50 5.74
CA HIS A 600 -10.21 -4.30 5.66
C HIS A 600 -9.51 -5.57 5.16
N MET A 601 -9.91 -6.73 5.67
CA MET A 601 -9.23 -7.94 5.24
C MET A 601 -9.59 -8.30 3.81
N THR A 602 -10.84 -8.08 3.42
CA THR A 602 -11.24 -8.33 2.04
C THR A 602 -10.54 -7.38 1.08
N CYS A 603 -10.19 -6.18 1.56
CA CYS A 603 -9.48 -5.24 0.72
C CYS A 603 -8.00 -5.63 0.59
N LEU A 604 -7.33 -5.84 1.72
CA LEU A 604 -5.89 -6.09 1.67
C LEU A 604 -5.56 -7.45 1.03
N ILE A 605 -6.37 -8.48 1.31
CA ILE A 605 -6.10 -9.77 0.72
C ILE A 605 -6.22 -9.78 -0.80
N GLN A 606 -6.77 -8.73 -1.40
CA GLN A 606 -6.76 -8.67 -2.86
C GLN A 606 -5.41 -8.28 -3.45
N GLY A 607 -4.43 -7.94 -2.61
CA GLY A 607 -3.08 -7.84 -3.13
C GLY A 607 -2.50 -9.18 -3.50
N LEU A 608 -3.12 -10.26 -3.05
CA LEU A 608 -2.72 -11.59 -3.47
C LEU A 608 -3.58 -12.04 -4.66
N ALA A 609 -2.97 -12.85 -5.52
CA ALA A 609 -3.71 -13.62 -6.52
C ALA A 609 -4.37 -12.72 -7.55
N ARG A 610 -3.68 -11.67 -7.99
CA ARG A 610 -4.22 -10.70 -8.95
C ARG A 610 -5.60 -10.18 -8.52
N GLY A 611 -5.91 -10.27 -7.22
CA GLY A 611 -7.22 -9.89 -6.73
C GLY A 611 -8.30 -10.94 -6.89
N ARG A 612 -7.95 -12.17 -7.27
CA ARG A 612 -8.94 -13.23 -7.47
C ARG A 612 -9.34 -13.86 -6.13
N MET A 613 -10.34 -13.28 -5.49
CA MET A 613 -10.93 -13.87 -4.30
C MET A 613 -12.30 -14.44 -4.62
N LEU A 614 -12.66 -15.53 -3.95
CA LEU A 614 -14.02 -16.06 -3.98
C LEU A 614 -14.48 -16.22 -2.54
N THR A 615 -15.46 -15.42 -2.13
CA THR A 615 -15.94 -15.47 -0.77
C THR A 615 -17.20 -16.34 -0.69
N LEU A 616 -17.19 -17.31 0.21
CA LEU A 616 -18.31 -18.20 0.45
C LEU A 616 -18.91 -17.82 1.79
N LEU A 617 -20.05 -17.14 1.77
CA LEU A 617 -20.73 -16.74 2.98
C LEU A 617 -21.84 -17.73 3.27
N GLN A 618 -21.83 -18.28 4.49
CA GLN A 618 -22.89 -19.18 4.96
C GLN A 618 -23.96 -18.34 5.63
N GLY A 619 -25.19 -18.42 5.11
CA GLY A 619 -26.31 -17.66 5.64
C GLY A 619 -26.39 -16.25 5.07
N TYR A 620 -27.59 -15.85 4.64
CA TYR A 620 -27.76 -14.47 4.20
C TYR A 620 -27.71 -13.51 5.39
N ASP A 621 -26.87 -12.49 5.26
CA ASP A 621 -26.73 -11.41 6.23
C ASP A 621 -26.58 -10.13 5.42
N LYS A 622 -27.65 -9.32 5.36
CA LYS A 622 -27.70 -8.20 4.43
C LYS A 622 -26.46 -7.32 4.54
N ASP A 623 -26.03 -7.01 5.78
CA ASP A 623 -24.88 -6.14 5.95
C ASP A 623 -23.59 -6.84 5.57
N LEU A 624 -23.43 -8.11 5.92
CA LEU A 624 -22.19 -8.80 5.62
C LEU A 624 -22.00 -8.97 4.11
N LEU A 625 -23.04 -9.38 3.40
CA LEU A 625 -22.90 -9.48 1.95
C LEU A 625 -22.64 -8.10 1.34
N GLU A 626 -23.45 -7.10 1.70
CA GLU A 626 -23.24 -5.76 1.16
C GLU A 626 -21.81 -5.28 1.43
N LEU A 627 -21.25 -5.62 2.60
CA LEU A 627 -19.91 -5.19 2.94
C LEU A 627 -18.86 -5.94 2.13
N THR A 628 -19.00 -7.26 2.03
CA THR A 628 -18.08 -8.07 1.23
C THR A 628 -18.05 -7.60 -0.22
N VAL A 629 -19.24 -7.51 -0.85
CA VAL A 629 -19.31 -7.07 -2.24
C VAL A 629 -18.70 -5.68 -2.40
N SER A 630 -18.97 -4.76 -1.47
CA SER A 630 -18.38 -3.43 -1.53
C SER A 630 -16.86 -3.50 -1.60
N ALA A 631 -16.26 -4.25 -0.67
CA ALA A 631 -14.80 -4.39 -0.63
C ALA A 631 -14.28 -5.10 -1.87
N LEU A 632 -14.95 -6.18 -2.26
CA LEU A 632 -14.54 -6.91 -3.46
C LEU A 632 -14.55 -5.99 -4.68
N SER A 633 -15.59 -5.17 -4.81
CA SER A 633 -15.76 -4.37 -6.02
C SER A 633 -14.80 -3.19 -6.06
N GLY A 634 -14.19 -2.84 -4.94
CA GLY A 634 -13.18 -1.81 -4.91
C GLY A 634 -13.54 -0.54 -4.18
N ALA A 635 -14.65 -0.52 -3.45
CA ALA A 635 -15.08 0.71 -2.81
C ALA A 635 -14.15 1.08 -1.66
N SER A 636 -14.22 2.34 -1.25
CA SER A 636 -13.52 2.79 -0.05
C SER A 636 -13.99 2.01 1.16
N ILE A 637 -13.03 1.69 2.03
CA ILE A 637 -13.29 1.00 3.29
C ILE A 637 -13.40 2.07 4.37
N SER A 638 -14.46 2.02 5.17
CA SER A 638 -14.63 3.03 6.20
C SER A 638 -13.65 2.77 7.34
N PRO A 639 -13.09 3.83 7.96
CA PRO A 639 -12.06 3.63 9.01
C PRO A 639 -12.57 2.95 10.27
N LEU A 640 -11.65 2.79 11.23
CA LEU A 640 -11.86 1.94 12.39
C LEU A 640 -11.96 2.71 13.69
N GLY A 641 -11.06 3.66 13.98
CA GLY A 641 -11.08 4.35 15.26
C GLY A 641 -9.73 4.79 15.79
N ARG A 644 -9.33 -0.25 20.77
CA ARG A 644 -8.72 -0.58 22.06
C ARG A 644 -7.63 -1.65 21.91
N ALA A 645 -6.37 -1.29 22.26
CA ALA A 645 -5.16 -2.11 22.15
C ALA A 645 -5.42 -3.56 22.56
N PRO A 646 -4.79 -4.53 21.91
CA PRO A 646 -5.18 -5.93 22.11
C PRO A 646 -4.80 -6.44 23.51
N LYS A 647 -5.50 -7.50 23.92
CA LYS A 647 -5.24 -8.12 25.21
C LYS A 647 -3.84 -8.77 25.23
N PRO A 648 -3.18 -8.77 26.39
CA PRO A 648 -1.81 -9.33 26.43
C PRO A 648 -1.79 -10.83 26.15
N GLU A 649 -2.84 -11.55 26.54
CA GLU A 649 -2.96 -12.95 26.14
C GLU A 649 -3.01 -13.08 24.63
N ASP A 650 -3.43 -12.02 23.92
CA ASP A 650 -3.57 -12.09 22.46
C ASP A 650 -2.24 -11.81 21.76
N VAL A 651 -1.53 -10.74 22.14
CA VAL A 651 -0.20 -10.54 21.55
C VAL A 651 0.65 -11.77 21.82
N GLU A 652 0.48 -12.40 22.99
CA GLU A 652 1.26 -13.56 23.36
C GLU A 652 1.00 -14.72 22.40
N MET A 653 -0.27 -15.03 22.14
CA MET A 653 -0.61 -16.11 21.20
C MET A 653 -0.09 -15.80 19.81
N MET A 654 -0.14 -14.53 19.41
CA MET A 654 0.26 -14.18 18.06
C MET A 654 1.75 -14.45 17.83
N GLU A 655 2.60 -14.15 18.81
CA GLU A 655 4.01 -14.42 18.57
C GLU A 655 4.39 -15.87 18.90
N LYS A 656 3.56 -16.62 19.63
CA LYS A 656 3.68 -18.06 19.56
C LYS A 656 3.59 -18.53 18.11
N GLN A 657 2.63 -17.97 17.35
CA GLN A 657 2.45 -18.38 15.96
C GLN A 657 3.59 -17.88 15.06
N ARG A 658 4.14 -16.70 15.34
CA ARG A 658 5.30 -16.24 14.58
C ARG A 658 6.50 -17.16 14.83
N GLN A 659 6.76 -17.45 16.12
CA GLN A 659 7.86 -18.36 16.47
C GLN A 659 7.71 -19.69 15.75
N ARG A 660 6.49 -20.22 15.70
CA ARG A 660 6.23 -21.55 15.17
C ARG A 660 6.32 -21.58 13.65
N LEU A 661 6.29 -20.42 13.01
CA LEU A 661 6.06 -20.34 11.57
C LEU A 661 7.14 -19.56 10.84
N GLN A 662 7.95 -18.77 11.55
CA GLN A 662 8.84 -17.88 10.82
C GLN A 662 10.04 -18.60 10.23
N GLU A 663 10.38 -19.81 10.71
CA GLU A 663 11.45 -20.55 10.07
C GLU A 663 11.08 -20.95 8.66
N ARG A 664 9.80 -21.30 8.44
CA ARG A 664 9.30 -21.61 7.10
C ARG A 664 8.93 -20.35 6.32
N TRP A 665 8.24 -19.41 6.96
CA TRP A 665 7.71 -18.20 6.31
C TRP A 665 8.50 -17.00 6.79
N GLY A 666 9.63 -16.74 6.13
CA GLY A 666 10.61 -15.79 6.64
C GLY A 666 10.16 -14.34 6.58
N LEU A 667 9.25 -14.00 5.66
CA LEU A 667 8.65 -12.68 5.69
C LEU A 667 7.94 -12.41 7.02
N LEU A 668 7.71 -13.43 7.84
CA LEU A 668 7.20 -13.21 9.18
C LEU A 668 8.20 -12.53 10.11
N ARG A 669 9.50 -12.57 9.80
CA ARG A 669 10.51 -12.17 10.78
C ARG A 669 10.63 -10.65 10.85
N CYS A 670 10.81 -10.16 12.07
CA CYS A 670 11.03 -8.74 12.34
C CYS A 670 12.09 -8.56 13.41
N THR A 671 13.07 -9.47 13.46
CA THR A 671 14.29 -9.44 14.27
C THR A 671 15.35 -10.22 13.51
N VAL A 672 16.62 -9.99 13.86
CA VAL A 672 17.66 -10.81 13.27
C VAL A 672 17.64 -12.19 13.92
N SER A 673 17.99 -13.20 13.12
CA SER A 673 17.92 -14.57 13.57
C SER A 673 19.04 -14.87 14.56
N GLU A 674 18.70 -15.54 15.65
CA GLU A 674 19.73 -16.17 16.47
C GLU A 674 20.52 -17.15 15.61
N SER A 675 21.85 -17.07 15.68
CA SER A 675 22.70 -18.02 14.98
C SER A 675 23.29 -19.02 15.98
N TRP A 676 23.04 -20.30 15.74
CA TRP A 676 23.72 -21.36 16.48
C TRP A 676 25.23 -21.23 16.26
C10 TWS B . 19.39 12.43 -5.24
C13 TWS B . 20.21 14.61 -3.70
C20 TWS B . 25.63 10.39 -5.26
C21 TWS B . 25.65 9.84 -3.94
C22 TWS B . 24.94 10.48 -2.92
C02 TWS B . 25.49 10.63 -8.56
C03 TWS B . 25.25 12.11 -8.12
C04 TWS B . 24.68 12.35 -6.72
C05 TWS B . 23.84 13.44 -6.37
C07 TWS B . 22.67 14.34 -4.42
C08 TWS B . 21.17 13.91 -4.45
C09 TWS B . 20.73 12.81 -5.23
C11 TWS B . 18.43 13.12 -4.47
C12 TWS B . 18.88 14.24 -3.70
C14 TWS B . 16.88 12.68 -4.45
C18 TWS B . 24.17 12.23 -4.54
C19 TWS B . 24.89 11.59 -5.55
C23 TWS B . 24.20 11.66 -3.20
N06 TWS B . 23.54 13.37 -5.09
N16 TWS B . 16.04 13.05 -3.29
O01 TWS B . 24.69 10.31 -9.72
O15 TWS B . 16.41 12.06 -5.30
O17 TWS B . 14.66 12.68 -3.18
ZN ZN C . 15.44 10.65 -3.63
P PO4 D . 22.78 2.49 12.46
O1 PO4 D . 22.67 1.07 12.98
O2 PO4 D . 21.56 2.74 11.59
O3 PO4 D . 22.81 3.44 13.63
O4 PO4 D . 24.07 2.73 11.68
P PO4 E . 24.68 -3.89 9.08
O1 PO4 E . 24.51 -5.13 8.23
O2 PO4 E . 24.95 -4.27 10.51
O3 PO4 E . 23.42 -3.08 9.11
O4 PO4 E . 25.83 -3.07 8.51
P PO4 F . -1.15 -1.72 -19.14
O1 PO4 F . -1.75 -3.02 -18.65
O2 PO4 F . -2.17 -0.62 -18.98
O3 PO4 F . -0.78 -1.81 -20.62
O4 PO4 F . 0.10 -1.42 -18.32
K K G . 12.49 8.30 2.11
K K H . 5.80 14.49 13.40
#